data_6OS5
#
_entry.id   6OS5
#
_cell.length_a   85.330
_cell.length_b   86.330
_cell.length_c   141.729
_cell.angle_alpha   90.000
_cell.angle_beta   90.000
_cell.angle_gamma   90.000
#
_symmetry.space_group_name_H-M   'P 21 21 21'
#
loop_
_entity.id
_entity.type
_entity.pdbx_description
1 polymer 'CymD prenyltransferase'
2 non-polymer TRYPTOPHAN
3 non-polymer 'BENZOIC ACID'
4 non-polymer DIPHOSPHATE
5 non-polymer IMIDAZOLE
6 water water
#
_entity_poly.entity_id   1
_entity_poly.type   'polypeptide(L)'
_entity_poly.pdbx_seq_one_letter_code
;SNATEELTTVRDACARTLENTARTLHLGASGTEFVAAFRAMTDHWGAARPHDLPLSDVSPDGSPVEYAVDLGGLAPALQF
AMEPLTAGVPARDPLAARAIMPLLAGRYGADATRWSALADRLLPDDAHGPHVSMYGAEVRAGAPIRFKAWFYLNVTGPDG
AFNLLYSALERMGTTHLWPVVQAHVHRAGEDVPFLLSLDLSDDPAARVKVYFRHFAADVEEVAAVLKAYPGFEPGEVRAF
CKVMMGGRRRFSDQPAVTCVSLLDAQTFDRTAATLYVPLWTYAEHDGEVRQRVHRTLAAWPEALYRYDSVLAGIAHRGLD
AGTGIHNYISWQPGRTRPRMKVYLSPEMHDVTPPPLGVSQQHHLSGQTTARGRTE
;
_entity_poly.pdbx_strand_id   A,B,C
#
loop_
_chem_comp.id
_chem_comp.type
_chem_comp.name
_chem_comp.formula
BEZ non-polymer 'BENZOIC ACID' 'C7 H6 O2'
DPO non-polymer DIPHOSPHATE 'O7 P2 -4'
IMD non-polymer IMIDAZOLE 'C3 H5 N2 1'
#
# COMPACT_ATOMS: atom_id res chain seq x y z
N THR A 8 -28.41 -15.93 -12.59
CA THR A 8 -28.02 -15.61 -11.22
C THR A 8 -26.51 -15.43 -11.10
N THR A 9 -26.08 -14.33 -10.48
CA THR A 9 -24.65 -14.13 -10.30
C THR A 9 -24.06 -15.20 -9.39
N VAL A 10 -22.76 -15.44 -9.55
CA VAL A 10 -22.07 -16.36 -8.63
C VAL A 10 -22.23 -15.89 -7.19
N ARG A 11 -22.09 -14.59 -6.95
CA ARG A 11 -22.15 -14.10 -5.58
C ARG A 11 -23.55 -14.32 -4.99
N ASP A 12 -24.59 -14.06 -5.77
CA ASP A 12 -25.94 -14.21 -5.25
C ASP A 12 -26.30 -15.67 -5.01
N ALA A 13 -25.87 -16.56 -5.91
CA ALA A 13 -26.14 -17.98 -5.74
C ALA A 13 -25.44 -18.53 -4.51
N CYS A 14 -24.16 -18.19 -4.33
CA CYS A 14 -23.44 -18.74 -3.20
C CYS A 14 -23.86 -18.09 -1.89
N ALA A 15 -24.24 -16.81 -1.90
CA ALA A 15 -24.74 -16.19 -0.69
C ALA A 15 -26.03 -16.84 -0.20
N ARG A 16 -26.91 -17.24 -1.12
CA ARG A 16 -28.13 -17.94 -0.72
C ARG A 16 -27.80 -19.26 -0.05
N THR A 17 -26.92 -20.05 -0.68
CA THR A 17 -26.49 -21.31 -0.11
C THR A 17 -25.86 -21.11 1.26
N LEU A 18 -25.01 -20.10 1.38
CA LEU A 18 -24.33 -19.87 2.65
C LEU A 18 -25.32 -19.47 3.73
N GLU A 19 -26.30 -18.62 3.39
CA GLU A 19 -27.29 -18.21 4.38
C GLU A 19 -28.15 -19.39 4.79
N ASN A 20 -28.54 -20.23 3.83
CA ASN A 20 -29.33 -21.43 4.16
C ASN A 20 -28.53 -22.35 5.07
N THR A 21 -27.23 -22.53 4.76
CA THR A 21 -26.40 -23.39 5.58
C THR A 21 -26.29 -22.85 7.00
N ALA A 22 -26.09 -21.53 7.14
CA ALA A 22 -26.08 -20.90 8.45
C ALA A 22 -27.40 -21.13 9.20
N ARG A 23 -28.54 -21.01 8.49
CA ARG A 23 -29.82 -21.24 9.13
C ARG A 23 -29.97 -22.70 9.57
N THR A 24 -29.55 -23.63 8.72
CA THR A 24 -29.60 -25.05 9.07
C THR A 24 -28.80 -25.34 10.32
N LEU A 25 -27.68 -24.67 10.49
CA LEU A 25 -26.79 -24.82 11.64
C LEU A 25 -27.22 -23.99 12.85
N HIS A 26 -28.34 -23.27 12.77
CA HIS A 26 -28.82 -22.45 13.89
C HIS A 26 -27.76 -21.43 14.34
N LEU A 27 -27.06 -20.81 13.39
CA LEU A 27 -26.04 -19.82 13.74
C LEU A 27 -26.63 -18.51 14.26
N GLY A 28 -27.93 -18.27 14.06
CA GLY A 28 -28.51 -17.04 14.58
C GLY A 28 -27.93 -15.80 13.92
N ALA A 29 -27.81 -14.73 14.72
CA ALA A 29 -27.35 -13.45 14.20
C ALA A 29 -25.92 -13.53 13.68
N SER A 30 -25.09 -14.37 14.29
CA SER A 30 -23.74 -14.60 13.77
C SER A 30 -23.78 -15.03 12.32
N GLY A 31 -24.79 -15.81 11.93
CA GLY A 31 -24.90 -16.24 10.55
C GLY A 31 -25.20 -15.09 9.61
N THR A 32 -26.07 -14.18 10.04
CA THR A 32 -26.41 -13.01 9.23
C THR A 32 -25.17 -12.17 8.94
N GLU A 33 -24.39 -11.87 10.00
CA GLU A 33 -23.17 -11.11 9.81
C GLU A 33 -22.19 -11.83 8.89
N PHE A 34 -22.18 -13.17 8.96
CA PHE A 34 -21.25 -13.97 8.16
C PHE A 34 -21.61 -13.87 6.69
N VAL A 35 -22.90 -13.94 6.36
CA VAL A 35 -23.35 -13.79 4.98
C VAL A 35 -22.98 -12.41 4.46
N ALA A 36 -23.14 -11.37 5.30
CA ALA A 36 -22.77 -10.02 4.88
C ALA A 36 -21.28 -9.95 4.57
N ALA A 37 -20.45 -10.62 5.36
CA ALA A 37 -19.02 -10.63 5.07
C ALA A 37 -18.72 -11.35 3.76
N PHE A 38 -19.38 -12.49 3.52
CA PHE A 38 -19.21 -13.15 2.24
C PHE A 38 -19.56 -12.21 1.09
N ARG A 39 -20.71 -11.53 1.19
CA ARG A 39 -21.10 -10.60 0.13
C ARG A 39 -20.06 -9.50 -0.06
N ALA A 40 -19.49 -8.98 1.04
CA ALA A 40 -18.48 -7.93 0.91
C ALA A 40 -17.24 -8.43 0.18
N MET A 41 -16.81 -9.65 0.51
CA MET A 41 -15.61 -10.23 -0.08
C MET A 41 -15.80 -10.63 -1.53
N THR A 42 -17.03 -10.93 -1.95
CA THR A 42 -17.29 -11.33 -3.33
C THR A 42 -17.91 -10.22 -4.17
N ASP A 43 -18.06 -9.01 -3.60
CA ASP A 43 -18.54 -7.88 -4.39
C ASP A 43 -17.70 -7.67 -5.65
N HIS A 44 -16.40 -7.93 -5.53
CA HIS A 44 -15.54 -7.60 -6.67
CA HIS A 44 -15.42 -7.72 -6.60
C HIS A 44 -15.76 -8.54 -7.85
N TRP A 45 -16.44 -9.68 -7.65
CA TRP A 45 -16.83 -10.49 -8.81
C TRP A 45 -17.85 -9.79 -9.68
N GLY A 46 -18.45 -8.71 -9.19
CA GLY A 46 -19.33 -7.91 -10.02
C GLY A 46 -20.56 -8.68 -10.44
N ALA A 47 -20.90 -8.56 -11.72
CA ALA A 47 -22.09 -9.19 -12.27
C ALA A 47 -21.81 -10.58 -12.80
N ALA A 48 -20.66 -11.16 -12.46
CA ALA A 48 -20.24 -12.40 -13.08
C ALA A 48 -21.19 -13.55 -12.76
N ARG A 49 -21.63 -14.23 -13.80
CA ARG A 49 -22.17 -15.58 -13.72
C ARG A 49 -21.02 -16.58 -13.78
N PRO A 50 -21.27 -17.86 -13.52
CA PRO A 50 -20.15 -18.81 -13.40
C PRO A 50 -19.20 -18.80 -14.59
N HIS A 51 -19.74 -18.73 -15.82
CA HIS A 51 -18.91 -18.76 -17.01
C HIS A 51 -18.15 -17.47 -17.25
N ASP A 52 -18.45 -16.42 -16.48
CA ASP A 52 -17.77 -15.14 -16.64
C ASP A 52 -16.46 -15.06 -15.87
N LEU A 53 -16.22 -15.97 -14.92
CA LEU A 53 -15.03 -16.01 -14.09
C LEU A 53 -14.08 -17.07 -14.61
N PRO A 54 -12.77 -16.86 -14.45
CA PRO A 54 -11.83 -17.94 -14.78
C PRO A 54 -12.05 -19.11 -13.83
N LEU A 55 -11.69 -20.30 -14.28
CA LEU A 55 -11.77 -21.45 -13.40
C LEU A 55 -10.90 -21.24 -12.16
N SER A 56 -11.45 -21.58 -11.01
CA SER A 56 -10.83 -21.35 -9.72
C SER A 56 -10.16 -22.62 -9.22
N ASP A 57 -9.18 -22.43 -8.34
CA ASP A 57 -8.56 -23.54 -7.61
C ASP A 57 -9.31 -23.90 -6.33
N VAL A 58 -10.33 -23.14 -5.94
CA VAL A 58 -10.93 -23.34 -4.61
C VAL A 58 -11.60 -24.69 -4.54
N SER A 59 -12.53 -24.97 -5.46
CA SER A 59 -13.08 -26.30 -5.58
C SER A 59 -12.55 -26.96 -6.84
N PRO A 60 -12.40 -28.28 -6.84
CA PRO A 60 -11.72 -28.94 -7.97
C PRO A 60 -12.47 -28.85 -9.28
N ASP A 61 -13.77 -28.61 -9.26
CA ASP A 61 -14.48 -28.43 -10.51
C ASP A 61 -14.29 -27.05 -11.10
N GLY A 62 -13.55 -26.15 -10.42
CA GLY A 62 -13.37 -24.80 -10.89
C GLY A 62 -14.25 -23.77 -10.23
N SER A 63 -15.17 -24.19 -9.36
CA SER A 63 -16.01 -23.24 -8.66
C SER A 63 -15.16 -22.39 -7.70
N PRO A 64 -15.49 -21.11 -7.54
CA PRO A 64 -14.62 -20.21 -6.78
C PRO A 64 -14.98 -20.09 -5.30
N VAL A 65 -15.77 -21.04 -4.79
CA VAL A 65 -16.18 -21.06 -3.39
C VAL A 65 -16.10 -22.49 -2.90
N GLU A 66 -15.79 -22.65 -1.61
CA GLU A 66 -15.87 -23.93 -0.91
C GLU A 66 -16.46 -23.68 0.47
N TYR A 67 -17.44 -24.49 0.86
CA TYR A 67 -18.06 -24.42 2.18
C TYR A 67 -17.47 -25.46 3.09
N ALA A 68 -17.23 -25.10 4.35
CA ALA A 68 -16.70 -26.10 5.28
C ALA A 68 -17.51 -26.05 6.58
N VAL A 69 -17.86 -27.23 7.07
CA VAL A 69 -18.72 -27.35 8.24
C VAL A 69 -18.06 -28.24 9.28
N ASP A 70 -17.88 -27.69 10.48
CA ASP A 70 -17.43 -28.46 11.63
C ASP A 70 -18.52 -29.45 12.04
N LEU A 71 -18.19 -30.74 12.10
CA LEU A 71 -19.22 -31.73 12.36
C LEU A 71 -19.38 -32.05 13.84
N GLY A 72 -18.36 -31.84 14.64
CA GLY A 72 -18.40 -32.29 16.02
C GLY A 72 -18.73 -31.21 17.01
N GLY A 73 -18.43 -29.96 16.67
CA GLY A 73 -18.55 -28.87 17.61
C GLY A 73 -19.92 -28.80 18.28
N LEU A 74 -19.93 -28.62 19.60
CA LEU A 74 -21.20 -28.37 20.29
C LEU A 74 -21.89 -27.15 19.71
N ALA A 75 -21.21 -26.01 19.70
CA ALA A 75 -21.71 -24.85 18.97
C ALA A 75 -21.31 -24.96 17.51
N PRO A 76 -22.25 -24.84 16.57
CA PRO A 76 -21.91 -25.00 15.15
C PRO A 76 -20.92 -23.94 14.70
N ALA A 77 -20.16 -24.27 13.66
CA ALA A 77 -19.09 -23.41 13.16
C ALA A 77 -18.98 -23.58 11.65
N LEU A 78 -19.11 -22.47 10.93
CA LEU A 78 -19.23 -22.48 9.47
C LEU A 78 -18.10 -21.66 8.86
N GLN A 79 -17.59 -22.13 7.73
CA GLN A 79 -16.45 -21.49 7.06
C GLN A 79 -16.70 -21.45 5.57
N PHE A 80 -16.14 -20.45 4.89
CA PHE A 80 -16.03 -20.50 3.45
C PHE A 80 -14.63 -20.08 3.05
N ALA A 81 -14.20 -20.57 1.89
CA ALA A 81 -13.02 -20.07 1.21
C ALA A 81 -13.46 -19.62 -0.18
N MET A 82 -12.79 -18.58 -0.70
CA MET A 82 -13.12 -18.09 -2.03
C MET A 82 -11.84 -17.63 -2.72
N GLU A 83 -11.93 -17.41 -4.04
CA GLU A 83 -10.80 -16.88 -4.80
C GLU A 83 -11.12 -15.48 -5.29
N PRO A 84 -10.32 -14.48 -4.90
CA PRO A 84 -10.45 -13.16 -5.52
C PRO A 84 -10.18 -13.25 -7.01
N LEU A 85 -11.14 -12.78 -7.81
CA LEU A 85 -11.05 -12.89 -9.26
C LEU A 85 -11.64 -11.64 -9.90
N THR A 86 -11.11 -11.28 -11.05
CA THR A 86 -11.64 -10.19 -11.84
C THR A 86 -12.29 -10.81 -13.06
N ALA A 87 -13.59 -10.56 -13.23
CA ALA A 87 -14.33 -11.13 -14.34
C ALA A 87 -13.60 -10.84 -15.65
N GLY A 88 -13.27 -11.90 -16.36
CA GLY A 88 -12.61 -11.80 -17.65
C GLY A 88 -11.11 -11.61 -17.61
N VAL A 89 -10.48 -11.81 -16.46
CA VAL A 89 -9.05 -11.63 -16.27
C VAL A 89 -8.48 -12.96 -15.79
N PRO A 90 -7.25 -13.35 -16.15
CA PRO A 90 -6.72 -14.62 -15.66
C PRO A 90 -6.62 -14.62 -14.15
N ALA A 91 -6.79 -15.82 -13.58
CA ALA A 91 -6.81 -15.95 -12.13
C ALA A 91 -5.50 -15.53 -11.48
N ARG A 92 -4.36 -15.67 -12.18
CA ARG A 92 -3.10 -15.29 -11.54
C ARG A 92 -2.89 -13.78 -11.48
N ASP A 93 -3.76 -12.99 -12.12
CA ASP A 93 -3.66 -11.54 -11.96
C ASP A 93 -3.84 -11.17 -10.50
N PRO A 94 -2.97 -10.33 -9.93
CA PRO A 94 -2.99 -10.08 -8.48
C PRO A 94 -3.88 -8.96 -7.99
N LEU A 95 -4.61 -8.25 -8.87
CA LEU A 95 -5.37 -7.07 -8.46
C LEU A 95 -6.38 -7.44 -7.38
N ALA A 96 -7.20 -8.46 -7.65
CA ALA A 96 -8.26 -8.81 -6.71
C ALA A 96 -7.70 -9.20 -5.36
N ALA A 97 -6.63 -9.99 -5.34
CA ALA A 97 -6.05 -10.42 -4.07
C ALA A 97 -5.44 -9.24 -3.31
N ARG A 98 -4.85 -8.29 -4.02
CA ARG A 98 -4.30 -7.12 -3.34
C ARG A 98 -5.40 -6.23 -2.78
N ALA A 99 -6.58 -6.24 -3.40
CA ALA A 99 -7.66 -5.36 -2.95
C ALA A 99 -8.41 -5.92 -1.75
N ILE A 100 -8.45 -7.25 -1.59
CA ILE A 100 -9.34 -7.79 -0.57
C ILE A 100 -8.76 -7.58 0.82
N MET A 101 -7.43 -7.58 0.98
CA MET A 101 -6.89 -7.34 2.32
C MET A 101 -7.25 -5.96 2.85
N PRO A 102 -7.01 -4.85 2.14
CA PRO A 102 -7.44 -3.56 2.69
C PRO A 102 -8.94 -3.46 2.87
N LEU A 103 -9.72 -4.16 2.06
CA LEU A 103 -11.16 -4.19 2.26
C LEU A 103 -11.49 -4.78 3.62
N LEU A 104 -10.89 -5.93 3.95
CA LEU A 104 -11.14 -6.55 5.23
C LEU A 104 -10.61 -5.71 6.38
N ALA A 105 -9.40 -5.15 6.22
CA ALA A 105 -8.85 -4.32 7.28
C ALA A 105 -9.77 -3.14 7.59
N GLY A 106 -10.27 -2.49 6.55
CA GLY A 106 -11.13 -1.33 6.72
C GLY A 106 -12.53 -1.63 7.21
N ARG A 107 -13.15 -2.69 6.68
CA ARG A 107 -14.54 -2.98 7.03
C ARG A 107 -14.66 -3.77 8.34
N TYR A 108 -13.68 -4.64 8.64
CA TYR A 108 -13.80 -5.58 9.74
C TYR A 108 -12.63 -5.53 10.71
N GLY A 109 -11.67 -4.63 10.52
CA GLY A 109 -10.53 -4.55 11.41
C GLY A 109 -9.60 -5.73 11.31
N ALA A 110 -9.64 -6.48 10.21
CA ALA A 110 -8.74 -7.61 10.07
C ALA A 110 -7.30 -7.13 10.10
N ASP A 111 -6.43 -7.98 10.66
CA ASP A 111 -5.00 -7.67 10.81
C ASP A 111 -4.29 -7.83 9.47
N ALA A 112 -3.65 -6.76 8.99
CA ALA A 112 -2.92 -6.82 7.73
C ALA A 112 -1.40 -6.79 7.93
N THR A 113 -0.92 -6.88 9.17
CA THR A 113 0.51 -6.66 9.39
C THR A 113 1.37 -7.81 8.86
N ARG A 114 0.97 -9.07 9.08
CA ARG A 114 1.74 -10.17 8.47
C ARG A 114 1.57 -10.18 6.96
N TRP A 115 0.34 -9.98 6.50
CA TRP A 115 0.06 -9.93 5.08
C TRP A 115 0.95 -8.90 4.39
N SER A 116 1.04 -7.71 4.98
CA SER A 116 1.79 -6.61 4.37
C SER A 116 3.27 -6.93 4.33
N ALA A 117 3.77 -7.67 5.32
CA ALA A 117 5.18 -8.02 5.31
C ALA A 117 5.51 -8.99 4.17
N LEU A 118 4.51 -9.67 3.62
CA LEU A 118 4.71 -10.75 2.66
C LEU A 118 4.24 -10.43 1.25
N ALA A 119 3.34 -9.45 1.09
CA ALA A 119 2.54 -9.39 -0.13
C ALA A 119 3.37 -9.13 -1.38
N ASP A 120 4.48 -8.38 -1.28
CA ASP A 120 5.24 -8.12 -2.49
C ASP A 120 5.91 -9.39 -3.01
N ARG A 121 6.20 -10.34 -2.14
CA ARG A 121 6.82 -11.58 -2.57
C ARG A 121 5.81 -12.65 -2.93
N LEU A 122 4.68 -12.71 -2.21
CA LEU A 122 3.72 -13.78 -2.41
C LEU A 122 2.60 -13.43 -3.38
N LEU A 123 2.41 -12.14 -3.69
CA LEU A 123 1.44 -11.70 -4.69
C LEU A 123 2.19 -10.87 -5.73
N PRO A 124 3.07 -11.49 -6.51
CA PRO A 124 3.87 -10.76 -7.49
C PRO A 124 3.06 -10.43 -8.74
N ASP A 125 3.63 -9.55 -9.55
CA ASP A 125 2.98 -9.10 -10.79
C ASP A 125 2.82 -10.23 -11.79
N ASP A 126 3.80 -11.14 -11.86
CA ASP A 126 3.89 -12.15 -12.92
C ASP A 126 4.10 -13.52 -12.28
N ALA A 127 3.11 -13.99 -11.53
CA ALA A 127 3.24 -15.27 -10.84
C ALA A 127 3.43 -16.41 -11.83
N HIS A 128 4.22 -17.41 -11.41
CA HIS A 128 4.49 -18.54 -12.29
C HIS A 128 3.31 -19.49 -12.32
N GLY A 129 2.64 -19.69 -11.20
CA GLY A 129 1.51 -20.58 -11.14
C GLY A 129 0.23 -19.92 -11.58
N PRO A 130 -0.81 -20.74 -11.77
CA PRO A 130 -2.09 -20.21 -12.27
C PRO A 130 -2.95 -19.50 -11.23
N HIS A 131 -2.65 -19.60 -9.94
CA HIS A 131 -3.46 -18.97 -8.91
C HIS A 131 -2.54 -18.30 -7.89
N VAL A 132 -3.03 -17.21 -7.29
CA VAL A 132 -2.17 -16.46 -6.37
C VAL A 132 -2.79 -16.24 -4.99
N SER A 133 -4.09 -16.55 -4.82
CA SER A 133 -4.62 -16.39 -3.47
C SER A 133 -5.95 -17.11 -3.32
N MET A 134 -6.24 -17.46 -2.07
CA MET A 134 -7.60 -17.66 -1.58
C MET A 134 -7.77 -16.82 -0.31
N TYR A 135 -9.00 -16.41 -0.03
CA TYR A 135 -9.30 -15.80 1.25
C TYR A 135 -10.54 -16.47 1.82
N GLY A 136 -10.71 -16.38 3.13
CA GLY A 136 -11.88 -17.02 3.70
C GLY A 136 -12.25 -16.45 5.05
N ALA A 137 -13.28 -17.04 5.64
CA ALA A 137 -13.78 -16.56 6.92
C ALA A 137 -14.43 -17.73 7.65
N GLU A 138 -14.41 -17.66 8.97
CA GLU A 138 -14.99 -18.71 9.80
C GLU A 138 -15.75 -18.03 10.92
N VAL A 139 -16.91 -18.59 11.27
CA VAL A 139 -17.69 -18.05 12.38
C VAL A 139 -18.22 -19.21 13.22
N ARG A 140 -18.19 -19.02 14.53
CA ARG A 140 -18.91 -19.87 15.46
C ARG A 140 -20.02 -19.06 16.08
N ALA A 141 -21.14 -19.70 16.38
CA ALA A 141 -22.29 -18.98 16.90
C ALA A 141 -21.90 -18.17 18.12
N GLY A 142 -22.27 -16.89 18.12
CA GLY A 142 -22.01 -16.01 19.23
C GLY A 142 -20.63 -15.40 19.30
N ALA A 143 -19.75 -15.72 18.35
CA ALA A 143 -18.38 -15.26 18.38
C ALA A 143 -18.07 -14.40 17.16
N PRO A 144 -17.04 -13.57 17.23
CA PRO A 144 -16.70 -12.71 16.07
C PRO A 144 -16.17 -13.52 14.91
N ILE A 145 -16.41 -13.01 13.70
CA ILE A 145 -15.89 -13.64 12.49
C ILE A 145 -14.37 -13.47 12.46
N ARG A 146 -13.70 -14.51 11.99
CA ARG A 146 -12.25 -14.52 11.84
C ARG A 146 -11.91 -14.77 10.39
N PHE A 147 -11.07 -13.91 9.83
CA PHE A 147 -10.72 -13.97 8.42
C PHE A 147 -9.34 -14.60 8.22
N LYS A 148 -9.13 -15.17 7.03
CA LYS A 148 -7.89 -15.89 6.72
C LYS A 148 -7.49 -15.63 5.28
N ALA A 149 -6.18 -15.69 5.03
CA ALA A 149 -5.63 -15.60 3.68
C ALA A 149 -4.77 -16.83 3.41
N TRP A 150 -4.79 -17.32 2.18
CA TRP A 150 -3.88 -18.36 1.74
C TRP A 150 -3.02 -17.85 0.58
N PHE A 151 -1.70 -18.01 0.69
CA PHE A 151 -0.78 -17.73 -0.40
C PHE A 151 -0.29 -19.03 -1.00
N TYR A 152 0.05 -18.99 -2.29
CA TYR A 152 0.54 -20.15 -3.03
C TYR A 152 2.07 -20.17 -3.02
N LEU A 153 2.63 -21.28 -2.55
CA LEU A 153 4.08 -21.38 -2.46
C LEU A 153 4.72 -21.74 -3.80
N ASN A 154 3.94 -21.94 -4.86
CA ASN A 154 4.48 -22.16 -6.19
C ASN A 154 4.54 -20.88 -7.03
N VAL A 155 4.37 -19.69 -6.45
CA VAL A 155 4.31 -18.48 -7.28
C VAL A 155 5.66 -18.12 -7.90
N THR A 156 6.77 -18.63 -7.39
CA THR A 156 8.05 -18.42 -8.08
C THR A 156 8.47 -19.67 -8.84
N GLY A 157 7.57 -20.61 -9.04
CA GLY A 157 7.89 -21.85 -9.70
C GLY A 157 7.79 -23.00 -8.72
N PRO A 158 7.47 -24.20 -9.22
CA PRO A 158 7.29 -25.33 -8.29
C PRO A 158 8.54 -25.65 -7.51
N ASP A 159 9.75 -25.48 -8.08
CA ASP A 159 10.95 -25.84 -7.35
C ASP A 159 11.34 -24.80 -6.31
N GLY A 160 10.63 -23.69 -6.23
CA GLY A 160 10.92 -22.63 -5.30
C GLY A 160 10.13 -22.66 -4.01
N ALA A 161 9.35 -23.70 -3.76
CA ALA A 161 8.39 -23.66 -2.66
C ALA A 161 9.07 -23.52 -1.31
N PHE A 162 10.17 -24.23 -1.08
CA PHE A 162 10.84 -24.12 0.21
C PHE A 162 11.54 -22.78 0.34
N ASN A 163 12.20 -22.32 -0.73
CA ASN A 163 12.88 -21.02 -0.69
C ASN A 163 11.89 -19.90 -0.45
N LEU A 164 10.74 -19.93 -1.13
CA LEU A 164 9.72 -18.89 -0.92
C LEU A 164 9.17 -18.92 0.50
N LEU A 165 8.88 -20.10 1.02
CA LEU A 165 8.43 -20.23 2.42
C LEU A 165 9.48 -19.66 3.37
N TYR A 166 10.75 -20.05 3.19
CA TYR A 166 11.80 -19.54 4.06
C TYR A 166 11.85 -18.03 3.99
N SER A 167 11.69 -17.47 2.79
CA SER A 167 11.73 -16.01 2.65
C SER A 167 10.54 -15.36 3.34
N ALA A 168 9.41 -16.06 3.40
CA ALA A 168 8.27 -15.57 4.17
C ALA A 168 8.60 -15.53 5.66
N LEU A 169 9.23 -16.59 6.18
CA LEU A 169 9.64 -16.55 7.58
C LEU A 169 10.63 -15.42 7.83
N GLU A 170 11.54 -15.17 6.88
CA GLU A 170 12.45 -14.04 7.03
C GLU A 170 11.68 -12.75 7.26
N ARG A 171 10.64 -12.52 6.46
CA ARG A 171 9.91 -11.27 6.53
C ARG A 171 9.07 -11.16 7.80
N MET A 172 8.71 -12.29 8.40
CA MET A 172 7.93 -12.27 9.63
C MET A 172 8.80 -12.38 10.89
N GLY A 173 10.11 -12.53 10.72
CA GLY A 173 11.00 -12.68 11.86
C GLY A 173 10.89 -14.04 12.52
N THR A 174 10.53 -15.08 11.77
CA THR A 174 10.28 -16.39 12.34
C THR A 174 11.13 -17.48 11.68
N THR A 175 12.33 -17.15 11.21
CA THR A 175 13.19 -18.19 10.64
C THR A 175 13.59 -19.22 11.69
N HIS A 176 13.53 -18.88 12.96
CA HIS A 176 13.82 -19.89 13.98
C HIS A 176 12.79 -21.02 14.01
N LEU A 177 11.67 -20.89 13.31
CA LEU A 177 10.67 -21.96 13.22
C LEU A 177 10.90 -22.88 12.04
N TRP A 178 11.93 -22.63 11.23
CA TRP A 178 12.23 -23.52 10.12
C TRP A 178 12.37 -24.97 10.53
N PRO A 179 12.95 -25.32 11.68
CA PRO A 179 13.03 -26.74 12.06
C PRO A 179 11.69 -27.46 12.02
N VAL A 180 10.60 -26.76 12.31
CA VAL A 180 9.27 -27.38 12.25
C VAL A 180 8.94 -27.80 10.82
N VAL A 181 9.18 -26.89 9.87
CA VAL A 181 9.00 -27.22 8.45
C VAL A 181 9.87 -28.41 8.07
N GLN A 182 11.16 -28.32 8.38
CA GLN A 182 12.10 -29.36 7.97
C GLN A 182 11.69 -30.73 8.51
N ALA A 183 11.30 -30.79 9.79
CA ALA A 183 10.95 -32.09 10.39
C ALA A 183 9.69 -32.69 9.77
N HIS A 184 8.78 -31.86 9.27
CA HIS A 184 7.53 -32.35 8.70
C HIS A 184 7.77 -33.11 7.41
N VAL A 185 8.88 -32.83 6.73
CA VAL A 185 9.21 -33.51 5.47
C VAL A 185 9.85 -34.84 5.80
N HIS A 186 9.21 -35.93 5.38
CA HIS A 186 9.80 -37.25 5.56
C HIS A 186 10.30 -37.88 4.27
N ARG A 187 9.67 -37.57 3.14
CA ARG A 187 10.05 -38.09 1.82
C ARG A 187 10.38 -36.88 0.96
N ALA A 188 11.67 -36.55 0.88
CA ALA A 188 12.09 -35.35 0.16
C ALA A 188 11.66 -35.44 -1.30
N GLY A 189 11.12 -34.33 -1.81
CA GLY A 189 10.59 -34.28 -3.15
C GLY A 189 9.15 -34.72 -3.29
N GLU A 190 8.62 -35.45 -2.31
CA GLU A 190 7.24 -35.90 -2.35
C GLU A 190 6.37 -35.32 -1.24
N ASP A 191 6.95 -34.86 -0.14
CA ASP A 191 6.27 -34.07 0.89
C ASP A 191 6.65 -32.61 0.61
N VAL A 192 5.73 -31.85 0.03
CA VAL A 192 6.08 -30.52 -0.45
CA VAL A 192 6.06 -30.52 -0.47
C VAL A 192 5.09 -29.48 0.08
N PRO A 193 5.58 -28.36 0.60
CA PRO A 193 4.67 -27.29 1.04
C PRO A 193 4.07 -26.61 -0.17
N PHE A 194 2.78 -26.29 -0.10
CA PHE A 194 2.17 -25.65 -1.26
C PHE A 194 1.28 -24.46 -0.92
N LEU A 195 0.83 -24.30 0.32
CA LEU A 195 0.11 -23.09 0.72
C LEU A 195 0.67 -22.59 2.05
N LEU A 196 0.65 -21.27 2.22
CA LEU A 196 0.95 -20.60 3.47
C LEU A 196 -0.28 -19.80 3.86
N SER A 197 -0.82 -20.05 5.04
CA SER A 197 -2.03 -19.36 5.46
C SER A 197 -1.77 -18.46 6.66
N LEU A 198 -2.47 -17.33 6.67
CA LEU A 198 -2.41 -16.35 7.75
C LEU A 198 -3.79 -16.16 8.32
N ASP A 199 -3.92 -16.34 9.63
CA ASP A 199 -5.09 -15.82 10.33
C ASP A 199 -4.95 -14.30 10.40
N LEU A 200 -5.92 -13.57 9.83
CA LEU A 200 -5.84 -12.11 9.75
C LEU A 200 -6.39 -11.47 11.02
N SER A 201 -5.76 -11.84 12.13
CA SER A 201 -6.11 -11.37 13.46
C SER A 201 -4.83 -11.06 14.21
N ASP A 202 -4.91 -10.11 15.12
CA ASP A 202 -3.73 -9.66 15.86
C ASP A 202 -3.63 -10.26 17.25
N ASP A 203 -4.47 -11.23 17.58
CA ASP A 203 -4.45 -11.79 18.93
C ASP A 203 -3.53 -13.00 19.01
N PRO A 204 -3.29 -13.51 20.22
CA PRO A 204 -2.38 -14.65 20.37
C PRO A 204 -2.88 -15.94 19.76
N ALA A 205 -4.18 -16.08 19.52
CA ALA A 205 -4.71 -17.29 18.90
C ALA A 205 -4.45 -17.35 17.40
N ALA A 206 -4.04 -16.24 16.78
CA ALA A 206 -3.83 -16.20 15.34
C ALA A 206 -2.65 -17.09 14.95
N ARG A 207 -2.84 -17.88 13.90
CA ARG A 207 -1.86 -18.88 13.47
C ARG A 207 -1.31 -18.56 12.09
N VAL A 208 -0.06 -18.95 11.88
CA VAL A 208 0.55 -19.07 10.56
C VAL A 208 0.69 -20.55 10.28
N LYS A 209 0.10 -21.02 9.18
CA LYS A 209 0.06 -22.45 8.89
C LYS A 209 0.68 -22.75 7.54
N VAL A 210 1.39 -23.88 7.47
CA VAL A 210 1.95 -24.38 6.23
C VAL A 210 1.22 -25.65 5.85
N TYR A 211 0.67 -25.68 4.63
CA TYR A 211 0.02 -26.86 4.10
C TYR A 211 0.99 -27.63 3.19
N PHE A 212 0.99 -28.95 3.34
CA PHE A 212 1.86 -29.84 2.58
C PHE A 212 1.02 -30.81 1.76
N ARG A 213 1.49 -31.12 0.56
CA ARG A 213 0.98 -32.26 -0.18
C ARG A 213 1.90 -33.46 0.06
N HIS A 214 1.29 -34.64 0.15
CA HIS A 214 2.05 -35.88 0.29
C HIS A 214 1.73 -36.70 -0.94
N PHE A 215 2.57 -36.55 -1.96
CA PHE A 215 2.36 -37.25 -3.23
C PHE A 215 2.71 -38.73 -3.11
N ALA A 216 1.89 -39.57 -3.74
CA ALA A 216 2.14 -41.02 -3.83
C ALA A 216 2.37 -41.64 -2.45
N ALA A 217 1.71 -41.12 -1.44
CA ALA A 217 1.98 -41.55 -0.07
C ALA A 217 1.11 -42.75 0.31
N ASP A 218 1.71 -43.72 0.98
CA ASP A 218 0.93 -44.75 1.64
C ASP A 218 0.32 -44.19 2.91
N VAL A 219 -0.76 -44.81 3.37
CA VAL A 219 -1.38 -44.33 4.61
C VAL A 219 -0.39 -44.40 5.76
N GLU A 220 0.54 -45.36 5.73
CA GLU A 220 1.54 -45.47 6.79
C GLU A 220 2.46 -44.25 6.80
N GLU A 221 2.78 -43.73 5.60
CA GLU A 221 3.68 -42.57 5.54
C GLU A 221 2.97 -41.31 6.01
N VAL A 222 1.68 -41.17 5.72
CA VAL A 222 0.94 -40.03 6.24
C VAL A 222 0.87 -40.09 7.76
N ALA A 223 0.63 -41.28 8.31
CA ALA A 223 0.60 -41.42 9.76
C ALA A 223 1.97 -41.11 10.37
N ALA A 224 3.05 -41.46 9.67
CA ALA A 224 4.38 -41.16 10.20
C ALA A 224 4.67 -39.67 10.23
N VAL A 225 4.15 -38.91 9.27
CA VAL A 225 4.26 -37.45 9.30
C VAL A 225 3.54 -36.91 10.53
N LEU A 226 2.34 -37.40 10.79
CA LEU A 226 1.48 -36.75 11.76
C LEU A 226 1.75 -37.19 13.19
N LYS A 227 2.42 -38.33 13.40
CA LYS A 227 2.58 -38.81 14.77
C LYS A 227 3.46 -37.90 15.60
N ALA A 228 4.18 -36.97 14.97
CA ALA A 228 4.95 -36.00 15.74
C ALA A 228 4.06 -35.08 16.56
N TYR A 229 2.78 -34.99 16.21
CA TYR A 229 1.91 -33.99 16.84
C TYR A 229 0.96 -34.64 17.84
N PRO A 230 0.73 -34.00 18.99
CA PRO A 230 -0.04 -34.63 20.06
C PRO A 230 -1.37 -35.17 19.56
N GLY A 231 -1.66 -36.42 19.91
CA GLY A 231 -2.97 -37.00 19.65
C GLY A 231 -3.11 -37.73 18.33
N PHE A 232 -2.17 -37.58 17.39
CA PHE A 232 -2.23 -38.28 16.11
C PHE A 232 -1.69 -39.70 16.27
N GLU A 233 -2.49 -40.55 16.88
CA GLU A 233 -2.11 -41.96 17.05
C GLU A 233 -2.11 -42.64 15.69
N PRO A 234 -0.99 -43.27 15.28
CA PRO A 234 -0.92 -43.76 13.89
C PRO A 234 -1.98 -44.78 13.53
N GLY A 235 -2.32 -45.69 14.44
CA GLY A 235 -3.37 -46.64 14.14
C GLY A 235 -4.68 -45.97 13.79
N GLU A 236 -5.02 -44.89 14.52
CA GLU A 236 -6.28 -44.19 14.27
C GLU A 236 -6.22 -43.41 12.97
N VAL A 237 -5.07 -42.80 12.68
CA VAL A 237 -4.92 -42.07 11.43
C VAL A 237 -5.00 -43.01 10.25
N ARG A 238 -4.32 -44.16 10.33
CA ARG A 238 -4.40 -45.11 9.22
C ARG A 238 -5.84 -45.58 9.01
N ALA A 239 -6.53 -45.90 10.11
CA ALA A 239 -7.90 -46.42 9.98
C ALA A 239 -8.82 -45.40 9.34
N PHE A 240 -8.70 -44.14 9.75
CA PHE A 240 -9.53 -43.09 9.17
C PHE A 240 -9.25 -42.94 7.67
N CYS A 241 -7.98 -42.84 7.29
CA CYS A 241 -7.66 -42.73 5.86
C CYS A 241 -8.25 -43.88 5.07
N LYS A 242 -8.12 -45.11 5.58
CA LYS A 242 -8.61 -46.27 4.85
C LYS A 242 -10.12 -46.21 4.66
N VAL A 243 -10.86 -45.87 5.72
CA VAL A 243 -12.32 -45.76 5.58
C VAL A 243 -12.67 -44.73 4.52
N MET A 244 -12.07 -43.54 4.60
CA MET A 244 -12.45 -42.47 3.69
C MET A 244 -11.95 -42.68 2.28
N MET A 245 -11.02 -43.63 2.09
CA MET A 245 -10.53 -44.05 0.79
C MET A 245 -11.20 -45.34 0.31
N GLY A 246 -12.24 -45.81 0.99
CA GLY A 246 -12.88 -47.05 0.60
C GLY A 246 -11.96 -48.26 0.61
N GLY A 247 -10.94 -48.28 1.48
CA GLY A 247 -10.05 -49.40 1.61
C GLY A 247 -8.73 -49.27 0.89
N ARG A 248 -8.58 -48.26 0.03
CA ARG A 248 -7.29 -48.03 -0.61
C ARG A 248 -6.25 -47.67 0.44
N ARG A 249 -5.01 -48.06 0.19
CA ARG A 249 -3.91 -47.81 1.11
C ARG A 249 -2.94 -46.75 0.62
N ARG A 250 -3.13 -46.23 -0.60
CA ARG A 250 -2.16 -45.28 -1.15
C ARG A 250 -2.88 -44.13 -1.85
N PHE A 251 -2.39 -42.92 -1.60
CA PHE A 251 -2.84 -41.72 -2.30
C PHE A 251 -2.16 -41.70 -3.67
N SER A 252 -2.72 -42.47 -4.59
CA SER A 252 -2.02 -42.77 -5.84
C SER A 252 -2.07 -41.62 -6.84
N ASP A 253 -3.11 -40.78 -6.81
CA ASP A 253 -3.08 -39.60 -7.68
C ASP A 253 -3.20 -38.34 -6.84
N GLN A 254 -4.40 -38.02 -6.37
CA GLN A 254 -4.59 -36.82 -5.58
C GLN A 254 -3.84 -36.94 -4.25
N PRO A 255 -2.94 -36.01 -3.91
CA PRO A 255 -2.13 -36.20 -2.70
C PRO A 255 -2.94 -36.01 -1.42
N ALA A 256 -2.55 -36.74 -0.37
CA ALA A 256 -3.02 -36.36 0.96
C ALA A 256 -2.47 -34.97 1.29
N VAL A 257 -3.16 -34.27 2.17
CA VAL A 257 -2.73 -32.93 2.60
C VAL A 257 -2.64 -32.90 4.12
N THR A 258 -1.59 -32.27 4.64
CA THR A 258 -1.53 -31.95 6.07
C THR A 258 -1.23 -30.47 6.22
N CYS A 259 -1.53 -29.93 7.38
CA CYS A 259 -1.05 -28.59 7.67
C CYS A 259 -0.53 -28.56 9.09
N VAL A 260 0.46 -27.72 9.32
CA VAL A 260 1.03 -27.52 10.64
C VAL A 260 1.06 -26.03 10.94
N SER A 261 0.67 -25.67 12.17
CA SER A 261 0.87 -24.31 12.66
C SER A 261 2.32 -24.10 13.09
N LEU A 262 2.88 -22.96 12.71
CA LEU A 262 4.26 -22.63 13.10
C LEU A 262 4.23 -21.91 14.44
N LEU A 263 4.70 -22.57 15.49
CA LEU A 263 4.57 -22.07 16.85
C LEU A 263 5.89 -22.17 17.60
N ASP A 264 6.10 -21.27 18.57
CA ASP A 264 7.32 -21.28 19.37
C ASP A 264 7.35 -22.38 20.42
N ALA A 265 6.23 -23.07 20.64
CA ALA A 265 6.17 -24.11 21.65
C ALA A 265 5.14 -25.14 21.23
N GLN A 266 5.19 -26.30 21.89
CA GLN A 266 4.14 -27.29 21.70
C GLN A 266 2.82 -26.73 22.22
N THR A 267 1.72 -27.17 21.61
CA THR A 267 0.40 -26.82 22.11
C THR A 267 -0.41 -28.10 22.30
N PHE A 268 -0.83 -28.36 23.54
CA PHE A 268 -1.55 -29.59 23.85
C PHE A 268 -3.06 -29.45 23.77
N ASP A 269 -3.56 -28.33 23.26
CA ASP A 269 -4.96 -28.31 22.86
C ASP A 269 -5.19 -29.10 21.58
N ARG A 270 -4.13 -29.68 21.01
CA ARG A 270 -4.19 -30.52 19.81
C ARG A 270 -4.67 -29.75 18.58
N THR A 271 -4.29 -28.48 18.52
CA THR A 271 -4.52 -27.61 17.37
C THR A 271 -3.27 -27.41 16.51
N ALA A 272 -2.21 -28.19 16.74
CA ALA A 272 -0.95 -27.96 16.03
C ALA A 272 -1.00 -28.43 14.57
N ALA A 273 -1.79 -29.45 14.25
CA ALA A 273 -1.76 -30.01 12.91
C ALA A 273 -3.13 -30.56 12.53
N THR A 274 -3.34 -30.68 11.22
CA THR A 274 -4.61 -31.20 10.69
C THR A 274 -4.32 -32.09 9.50
N LEU A 275 -5.13 -33.14 9.36
CA LEU A 275 -5.12 -34.03 8.21
C LEU A 275 -6.31 -33.75 7.30
N TYR A 276 -6.06 -33.69 5.99
CA TYR A 276 -7.11 -33.48 4.98
C TYR A 276 -7.06 -34.62 3.97
N VAL A 277 -8.15 -35.36 3.85
CA VAL A 277 -8.26 -36.47 2.92
C VAL A 277 -9.10 -36.00 1.73
N PRO A 278 -8.54 -35.95 0.53
CA PRO A 278 -9.32 -35.55 -0.65
C PRO A 278 -10.30 -36.65 -1.05
N LEU A 279 -11.48 -36.23 -1.52
CA LEU A 279 -12.60 -37.16 -1.64
C LEU A 279 -13.14 -37.35 -3.06
N TRP A 280 -12.65 -36.62 -4.07
CA TRP A 280 -13.31 -36.68 -5.38
C TRP A 280 -12.63 -37.60 -6.38
N THR A 281 -11.48 -38.21 -6.05
CA THR A 281 -10.81 -39.10 -6.98
C THR A 281 -10.76 -40.56 -6.54
N TYR A 282 -11.14 -40.89 -5.31
CA TYR A 282 -11.00 -42.25 -4.81
C TYR A 282 -12.36 -42.90 -4.56
N ALA A 283 -13.37 -42.48 -5.31
CA ALA A 283 -14.72 -43.02 -5.19
C ALA A 283 -15.40 -42.91 -6.55
N GLU A 284 -16.41 -43.75 -6.75
CA GLU A 284 -17.18 -43.67 -7.98
C GLU A 284 -18.04 -42.41 -8.04
N HIS A 285 -18.57 -41.97 -6.89
CA HIS A 285 -19.50 -40.85 -6.89
C HIS A 285 -19.70 -40.41 -5.44
N ASP A 286 -20.42 -39.30 -5.28
CA ASP A 286 -20.62 -38.70 -3.98
C ASP A 286 -21.55 -39.51 -3.08
N GLY A 287 -22.36 -40.40 -3.65
CA GLY A 287 -23.11 -41.32 -2.81
C GLY A 287 -22.20 -42.27 -2.06
N GLU A 288 -21.15 -42.76 -2.73
CA GLU A 288 -20.18 -43.61 -2.04
C GLU A 288 -19.45 -42.82 -0.96
N VAL A 289 -19.09 -41.57 -1.24
CA VAL A 289 -18.43 -40.75 -0.23
C VAL A 289 -19.33 -40.56 0.98
N ARG A 290 -20.62 -40.29 0.75
CA ARG A 290 -21.54 -40.11 1.86
C ARG A 290 -21.59 -41.37 2.73
N GLN A 291 -21.56 -42.55 2.09
CA GLN A 291 -21.55 -43.79 2.87
C GLN A 291 -20.29 -43.89 3.72
N ARG A 292 -19.14 -43.47 3.19
CA ARG A 292 -17.91 -43.50 3.97
C ARG A 292 -17.98 -42.57 5.18
N VAL A 293 -18.58 -41.38 5.00
CA VAL A 293 -18.76 -40.48 6.14
C VAL A 293 -19.66 -41.12 7.18
N HIS A 294 -20.73 -41.79 6.75
CA HIS A 294 -21.58 -42.46 7.71
C HIS A 294 -20.84 -43.59 8.44
N ARG A 295 -19.85 -44.19 7.79
CA ARG A 295 -19.05 -45.21 8.45
C ARG A 295 -18.10 -44.60 9.48
N THR A 296 -17.37 -43.54 9.10
CA THR A 296 -16.37 -43.02 10.02
C THR A 296 -16.99 -42.30 11.21
N LEU A 297 -18.18 -41.70 11.04
CA LEU A 297 -18.84 -40.98 12.12
C LEU A 297 -19.95 -41.78 12.77
N ALA A 298 -19.93 -43.10 12.61
CA ALA A 298 -21.01 -43.94 13.13
C ALA A 298 -21.25 -43.73 14.61
N ALA A 299 -20.19 -43.48 15.38
CA ALA A 299 -20.37 -43.38 16.82
C ALA A 299 -21.02 -42.07 17.25
N TRP A 300 -21.23 -41.12 16.33
CA TRP A 300 -21.67 -39.78 16.68
C TRP A 300 -22.87 -39.38 15.81
N PRO A 301 -24.06 -39.86 16.15
CA PRO A 301 -25.23 -39.57 15.30
C PRO A 301 -25.55 -38.09 15.17
N GLU A 302 -25.29 -37.27 16.19
CA GLU A 302 -25.54 -35.84 16.08
C GLU A 302 -24.68 -35.22 14.99
N ALA A 303 -23.42 -35.67 14.87
CA ALA A 303 -22.56 -35.18 13.81
C ALA A 303 -23.09 -35.59 12.44
N LEU A 304 -23.58 -36.83 12.32
CA LEU A 304 -24.07 -37.30 11.03
C LEU A 304 -25.36 -36.60 10.63
N TYR A 305 -26.22 -36.29 11.60
CA TYR A 305 -27.42 -35.51 11.28
C TYR A 305 -27.03 -34.13 10.78
N ARG A 306 -26.05 -33.51 11.42
CA ARG A 306 -25.60 -32.19 10.95
C ARG A 306 -25.03 -32.30 9.54
N TYR A 307 -24.15 -33.28 9.32
CA TYR A 307 -23.54 -33.49 8.00
C TYR A 307 -24.61 -33.72 6.93
N ASP A 308 -25.55 -34.63 7.18
CA ASP A 308 -26.60 -34.91 6.20
C ASP A 308 -27.36 -33.64 5.84
N SER A 309 -27.66 -32.82 6.85
CA SER A 309 -28.50 -31.66 6.63
C SER A 309 -27.78 -30.61 5.81
N VAL A 310 -26.50 -30.41 6.08
CA VAL A 310 -25.70 -29.43 5.35
C VAL A 310 -25.45 -29.91 3.93
N LEU A 311 -25.21 -31.22 3.76
CA LEU A 311 -25.00 -31.75 2.41
C LEU A 311 -26.23 -31.53 1.55
N ALA A 312 -27.41 -31.79 2.11
CA ALA A 312 -28.66 -31.62 1.37
C ALA A 312 -28.87 -30.19 0.90
N GLY A 313 -28.36 -29.20 1.65
CA GLY A 313 -28.52 -27.81 1.26
C GLY A 313 -27.55 -27.34 0.20
N ILE A 314 -26.51 -28.13 -0.08
CA ILE A 314 -25.43 -27.72 -0.97
C ILE A 314 -25.43 -28.54 -2.25
N ALA A 315 -25.68 -29.85 -2.16
CA ALA A 315 -25.82 -30.68 -3.35
C ALA A 315 -27.00 -30.21 -4.19
N HIS A 316 -26.88 -30.28 -5.52
CA HIS A 316 -28.00 -29.91 -6.38
C HIS A 316 -28.19 -30.91 -7.52
N ARG A 317 -27.82 -32.17 -7.29
CA ARG A 317 -28.07 -33.25 -8.22
C ARG A 317 -27.95 -34.55 -7.45
N GLY A 318 -28.36 -35.64 -8.09
CA GLY A 318 -28.24 -36.94 -7.45
C GLY A 318 -26.79 -37.25 -7.10
N LEU A 319 -26.59 -37.77 -5.90
CA LEU A 319 -25.22 -38.01 -5.45
C LEU A 319 -24.51 -39.04 -6.31
N ASP A 320 -25.25 -39.97 -6.93
CA ASP A 320 -24.58 -41.02 -7.70
C ASP A 320 -24.19 -40.60 -9.10
N ALA A 321 -24.42 -39.34 -9.49
CA ALA A 321 -24.09 -38.88 -10.83
C ALA A 321 -22.60 -38.77 -11.06
N GLY A 322 -21.82 -38.64 -10.00
CA GLY A 322 -20.38 -38.48 -10.12
C GLY A 322 -19.84 -37.94 -8.82
N THR A 323 -18.55 -37.62 -8.82
CA THR A 323 -17.92 -36.99 -7.66
C THR A 323 -17.91 -35.48 -7.86
N GLY A 324 -17.35 -34.77 -6.89
CA GLY A 324 -17.15 -33.34 -6.99
C GLY A 324 -17.90 -32.50 -5.97
N ILE A 325 -18.93 -33.03 -5.30
CA ILE A 325 -19.55 -32.26 -4.23
C ILE A 325 -18.67 -32.25 -2.98
N HIS A 326 -18.19 -33.44 -2.59
CA HIS A 326 -17.24 -33.53 -1.48
C HIS A 326 -15.81 -33.23 -1.97
N ASN A 327 -15.18 -32.21 -1.40
CA ASN A 327 -13.78 -31.94 -1.71
C ASN A 327 -12.85 -32.66 -0.73
N TYR A 328 -13.02 -32.42 0.57
CA TYR A 328 -12.13 -32.94 1.60
C TYR A 328 -12.93 -33.28 2.85
N ILE A 329 -12.35 -34.17 3.66
CA ILE A 329 -12.72 -34.28 5.06
C ILE A 329 -11.45 -34.10 5.88
N SER A 330 -11.52 -33.31 6.95
CA SER A 330 -10.34 -33.10 7.77
C SER A 330 -10.49 -33.80 9.11
N TRP A 331 -9.35 -34.05 9.74
CA TRP A 331 -9.30 -34.83 10.97
C TRP A 331 -8.23 -34.23 11.88
N GLN A 332 -8.59 -34.01 13.14
CA GLN A 332 -7.69 -33.51 14.16
C GLN A 332 -8.07 -34.24 15.44
N PRO A 333 -7.11 -34.63 16.26
CA PRO A 333 -7.47 -35.29 17.52
C PRO A 333 -8.17 -34.31 18.45
N GLY A 334 -9.01 -34.84 19.32
CA GLY A 334 -9.68 -34.02 20.31
C GLY A 334 -9.42 -34.53 21.70
N ARG A 335 -10.08 -33.93 22.70
CA ARG A 335 -9.92 -34.39 24.08
C ARG A 335 -10.32 -35.84 24.21
N THR A 336 -11.54 -36.18 23.76
CA THR A 336 -12.05 -37.54 23.83
C THR A 336 -12.49 -38.10 22.48
N ARG A 337 -12.59 -37.28 21.45
CA ARG A 337 -13.11 -37.69 20.16
C ARG A 337 -12.44 -36.85 19.09
N PRO A 338 -12.34 -37.34 17.86
CA PRO A 338 -11.71 -36.54 16.81
C PRO A 338 -12.60 -35.38 16.39
N ARG A 339 -11.94 -34.33 15.91
CA ARG A 339 -12.60 -33.15 15.35
C ARG A 339 -12.56 -33.27 13.84
N MET A 340 -13.72 -33.34 13.20
CA MET A 340 -13.79 -33.49 11.75
C MET A 340 -14.58 -32.34 11.15
N LYS A 341 -14.18 -31.93 9.94
CA LYS A 341 -14.91 -30.96 9.13
C LYS A 341 -15.03 -31.52 7.73
N VAL A 342 -16.12 -31.17 7.05
CA VAL A 342 -16.32 -31.54 5.65
CA VAL A 342 -16.28 -31.54 5.65
C VAL A 342 -16.23 -30.28 4.81
N TYR A 343 -15.63 -30.40 3.63
CA TYR A 343 -15.40 -29.29 2.71
C TYR A 343 -16.14 -29.61 1.43
N LEU A 344 -17.10 -28.75 1.05
CA LEU A 344 -18.04 -29.07 -0.02
C LEU A 344 -18.03 -28.00 -1.10
N SER A 345 -18.23 -28.44 -2.33
CA SER A 345 -18.27 -27.55 -3.50
C SER A 345 -19.69 -27.20 -3.91
N PRO A 346 -19.92 -25.96 -4.38
CA PRO A 346 -21.24 -25.62 -4.96
C PRO A 346 -21.47 -26.21 -6.35
N GLU A 347 -20.44 -26.84 -6.92
CA GLU A 347 -20.51 -27.51 -8.21
C GLU A 347 -21.22 -26.64 -9.25
N MET A 348 -20.60 -25.50 -9.52
CA MET A 348 -21.10 -24.66 -10.60
C MET A 348 -20.63 -25.13 -11.97
N HIS A 349 -19.75 -26.11 -12.03
CA HIS A 349 -19.28 -26.59 -13.31
C HIS A 349 -19.58 -28.10 -13.46
N ASP A 350 -18.61 -28.90 -13.89
CA ASP A 350 -18.91 -30.27 -14.29
C ASP A 350 -18.69 -31.25 -13.14
N VAL A 351 -19.48 -32.34 -13.15
CA VAL A 351 -19.30 -33.41 -12.19
C VAL A 351 -17.99 -34.14 -12.46
N THR A 352 -17.49 -34.82 -11.42
CA THR A 352 -16.30 -35.66 -11.43
C THR A 352 -15.08 -34.91 -11.97
N PRO A 353 -14.54 -33.98 -11.18
CA PRO A 353 -13.32 -33.27 -11.56
C PRO A 353 -12.13 -34.21 -11.60
N PRO A 354 -11.09 -33.89 -12.36
CA PRO A 354 -9.90 -34.74 -12.41
C PRO A 354 -9.01 -34.51 -11.21
N PRO A 355 -8.02 -35.37 -10.99
CA PRO A 355 -7.03 -35.07 -9.95
C PRO A 355 -6.39 -33.71 -10.21
N LEU A 356 -6.19 -32.95 -9.13
CA LEU A 356 -5.60 -31.61 -9.09
C LEU A 356 -6.59 -30.54 -9.58
N GLY A 357 -7.79 -30.90 -10.01
CA GLY A 357 -8.78 -29.93 -10.38
C GLY A 357 -8.65 -29.48 -11.82
N VAL A 358 -9.76 -28.94 -12.35
CA VAL A 358 -9.81 -28.60 -13.78
C VAL A 358 -8.84 -27.46 -14.11
N SER A 359 -8.61 -26.54 -13.18
CA SER A 359 -7.73 -25.42 -13.49
C SER A 359 -6.27 -25.86 -13.59
N GLN A 360 -5.90 -26.93 -12.89
CA GLN A 360 -4.51 -27.39 -12.89
C GLN A 360 -4.35 -28.58 -13.84
N GLU B 6 45.58 7.59 22.88
CA GLU B 6 44.41 6.72 23.00
C GLU B 6 44.76 5.43 23.72
N LEU B 7 44.21 5.24 24.92
CA LEU B 7 44.44 4.03 25.70
C LEU B 7 43.15 3.26 25.95
N THR B 8 42.13 3.88 26.51
CA THR B 8 40.88 3.19 26.82
C THR B 8 40.13 2.82 25.54
N THR B 9 39.51 1.64 25.55
CA THR B 9 38.71 1.24 24.40
C THR B 9 37.43 2.08 24.33
N VAL B 10 36.89 2.17 23.12
CA VAL B 10 35.65 2.92 22.93
C VAL B 10 34.57 2.34 23.85
N ARG B 11 34.42 1.02 23.85
CA ARG B 11 33.36 0.39 24.62
C ARG B 11 33.53 0.65 26.11
N ASP B 12 34.75 0.49 26.64
CA ASP B 12 34.98 0.72 28.06
C ASP B 12 34.74 2.18 28.44
N ALA B 13 35.21 3.10 27.60
CA ALA B 13 35.08 4.53 27.93
C ALA B 13 33.62 4.94 27.99
N CYS B 14 32.84 4.55 26.97
CA CYS B 14 31.44 4.94 26.94
C CYS B 14 30.61 4.17 27.96
N ALA B 15 30.95 2.92 28.25
CA ALA B 15 30.21 2.17 29.25
C ALA B 15 30.37 2.81 30.63
N ARG B 16 31.57 3.30 30.94
CA ARG B 16 31.80 3.99 32.21
C ARG B 16 30.97 5.27 32.29
N THR B 17 30.96 6.04 31.20
CA THR B 17 30.15 7.25 31.18
C THR B 17 28.67 6.93 31.35
N LEU B 18 28.21 5.89 30.65
CA LEU B 18 26.80 5.51 30.76
C LEU B 18 26.46 5.07 32.17
N GLU B 19 27.35 4.25 32.78
CA GLU B 19 27.10 3.79 34.15
C GLU B 19 27.10 4.96 35.13
N ASN B 20 28.04 5.89 34.99
CA ASN B 20 28.04 7.07 35.85
C ASN B 20 26.77 7.87 35.68
N THR B 21 26.33 8.07 34.42
CA THR B 21 25.12 8.85 34.18
C THR B 21 23.90 8.15 34.76
N ALA B 22 23.84 6.83 34.63
CA ALA B 22 22.73 6.08 35.21
C ALA B 22 22.69 6.24 36.73
N ARG B 23 23.86 6.23 37.38
CA ARG B 23 23.89 6.45 38.82
C ARG B 23 23.41 7.86 39.16
N THR B 24 23.86 8.85 38.39
CA THR B 24 23.43 10.23 38.62
C THR B 24 21.91 10.35 38.51
N LEU B 25 21.30 9.63 37.58
CA LEU B 25 19.86 9.68 37.37
C LEU B 25 19.09 8.68 38.21
N HIS B 26 19.76 7.94 39.09
CA HIS B 26 19.10 6.98 39.99
C HIS B 26 18.27 5.95 39.24
N LEU B 27 18.87 5.38 38.19
CA LEU B 27 18.17 4.40 37.36
C LEU B 27 18.16 3.00 37.96
N GLY B 28 18.91 2.74 39.04
CA GLY B 28 18.75 1.46 39.73
C GLY B 28 19.11 0.28 38.85
N ALA B 29 18.44 -0.85 39.13
CA ALA B 29 18.77 -2.09 38.44
C ALA B 29 18.54 -2.00 36.94
N SER B 30 17.50 -1.26 36.52
CA SER B 30 17.29 -1.07 35.09
C SER B 30 18.50 -0.41 34.44
N GLY B 31 19.12 0.54 35.15
CA GLY B 31 20.35 1.14 34.65
C GLY B 31 21.46 0.14 34.49
N THR B 32 21.58 -0.79 35.44
CA THR B 32 22.63 -1.80 35.35
C THR B 32 22.43 -2.67 34.12
N GLU B 33 21.20 -3.11 33.87
CA GLU B 33 20.92 -3.91 32.69
C GLU B 33 21.19 -3.13 31.43
N PHE B 34 20.84 -1.84 31.46
CA PHE B 34 21.02 -0.96 30.32
C PHE B 34 22.49 -0.85 29.92
N VAL B 35 23.38 -0.70 30.91
CA VAL B 35 24.80 -0.69 30.65
C VAL B 35 25.27 -2.02 30.07
N ALA B 36 24.75 -3.14 30.61
CA ALA B 36 25.14 -4.44 30.06
C ALA B 36 24.69 -4.56 28.61
N ALA B 37 23.49 -4.07 28.31
CA ALA B 37 23.01 -4.10 26.93
C ALA B 37 23.90 -3.28 26.01
N PHE B 38 24.33 -2.11 26.47
CA PHE B 38 25.30 -1.32 25.69
C PHE B 38 26.56 -2.12 25.40
N ARG B 39 27.13 -2.76 26.44
CA ARG B 39 28.34 -3.53 26.21
C ARG B 39 28.09 -4.68 25.24
N ALA B 40 26.90 -5.30 25.32
CA ALA B 40 26.60 -6.40 24.39
C ALA B 40 26.49 -5.88 22.97
N MET B 41 25.74 -4.79 22.77
CA MET B 41 25.54 -4.23 21.44
C MET B 41 26.86 -3.79 20.82
N THR B 42 27.82 -3.38 21.63
CA THR B 42 29.09 -2.91 21.11
C THR B 42 30.20 -3.96 21.18
N ASP B 43 29.89 -5.19 21.56
CA ASP B 43 30.98 -6.14 21.74
C ASP B 43 31.67 -6.47 20.43
N HIS B 44 30.99 -6.29 19.29
CA HIS B 44 31.63 -6.53 18.00
C HIS B 44 32.69 -5.49 17.67
N TRP B 45 32.69 -4.34 18.36
CA TRP B 45 33.83 -3.42 18.25
C TRP B 45 35.09 -3.99 18.90
N GLY B 46 34.95 -4.98 19.76
CA GLY B 46 36.13 -5.58 20.37
C GLY B 46 36.92 -4.59 21.18
N ALA B 47 38.26 -4.65 21.03
CA ALA B 47 39.17 -3.76 21.73
C ALA B 47 39.45 -2.46 20.96
N ALA B 48 38.56 -2.08 20.04
CA ALA B 48 38.84 -0.89 19.23
C ALA B 48 38.95 0.35 20.12
N ARG B 49 40.01 1.11 19.89
CA ARG B 49 40.10 2.49 20.33
C ARG B 49 39.48 3.39 19.28
N PRO B 50 39.29 4.68 19.57
CA PRO B 50 38.58 5.54 18.60
C PRO B 50 39.18 5.50 17.20
N HIS B 51 40.51 5.51 17.09
CA HIS B 51 41.18 5.52 15.79
C HIS B 51 40.99 4.20 15.02
N ASP B 52 40.54 3.14 15.68
CA ASP B 52 40.43 1.84 15.03
C ASP B 52 39.10 1.64 14.34
N LEU B 53 38.14 2.52 14.56
CA LEU B 53 36.83 2.38 13.95
C LEU B 53 36.65 3.38 12.82
N PRO B 54 35.84 3.06 11.81
CA PRO B 54 35.49 4.07 10.82
C PRO B 54 34.79 5.25 11.49
N LEU B 55 34.97 6.43 10.90
CA LEU B 55 34.24 7.59 11.40
C LEU B 55 32.75 7.32 11.30
N SER B 56 32.00 7.74 12.33
CA SER B 56 30.59 7.41 12.49
C SER B 56 29.72 8.62 12.23
N ASP B 57 28.47 8.36 11.85
CA ASP B 57 27.44 9.38 11.72
C ASP B 57 26.73 9.69 13.02
N VAL B 58 26.98 8.92 14.09
CA VAL B 58 26.17 9.05 15.31
C VAL B 58 26.40 10.40 15.97
N SER B 59 27.67 10.74 16.26
CA SER B 59 27.93 12.10 16.72
C SER B 59 28.69 12.88 15.65
N PRO B 60 28.53 14.21 15.59
CA PRO B 60 29.11 14.98 14.47
C PRO B 60 30.63 14.98 14.42
N ASP B 61 31.32 14.75 15.54
CA ASP B 61 32.77 14.64 15.50
C ASP B 61 33.25 13.28 15.01
N GLY B 62 32.32 12.38 14.67
CA GLY B 62 32.68 11.06 14.19
C GLY B 62 32.67 9.98 15.24
N SER B 63 32.42 10.32 16.51
CA SER B 63 32.28 9.31 17.55
C SER B 63 31.10 8.39 17.26
N PRO B 64 31.21 7.11 17.58
CA PRO B 64 30.16 6.13 17.25
C PRO B 64 29.08 5.96 18.31
N VAL B 65 29.03 6.86 19.28
CA VAL B 65 28.04 6.83 20.36
C VAL B 65 27.50 8.24 20.54
N GLU B 66 26.22 8.31 20.91
CA GLU B 66 25.59 9.55 21.35
C GLU B 66 24.75 9.24 22.58
N TYR B 67 24.78 10.13 23.56
CA TYR B 67 23.95 9.99 24.75
C TYR B 67 22.75 10.95 24.68
N ALA B 68 21.64 10.57 25.29
CA ALA B 68 20.54 11.52 25.37
C ALA B 68 19.84 11.38 26.71
N VAL B 69 19.42 12.50 27.26
CA VAL B 69 18.71 12.52 28.53
C VAL B 69 17.38 13.24 28.32
N ASP B 70 16.30 12.55 28.68
CA ASP B 70 14.96 13.12 28.62
C ASP B 70 14.80 14.08 29.79
N LEU B 71 14.47 15.34 29.49
CA LEU B 71 14.25 16.34 30.52
C LEU B 71 12.79 16.49 30.90
N GLY B 72 11.91 15.60 30.40
CA GLY B 72 10.49 15.76 30.63
C GLY B 72 10.13 15.63 32.10
N GLY B 73 9.01 16.27 32.47
CA GLY B 73 8.64 16.41 33.86
C GLY B 73 8.18 15.14 34.54
N LEU B 74 7.93 14.07 33.79
CA LEU B 74 7.33 12.89 34.39
C LEU B 74 8.36 11.95 35.02
N ALA B 75 9.57 11.89 34.48
CA ALA B 75 10.63 11.02 34.97
C ALA B 75 11.85 11.16 34.06
N PRO B 76 13.07 10.99 34.58
CA PRO B 76 14.23 11.00 33.69
C PRO B 76 14.30 9.70 32.89
N ALA B 77 14.93 9.79 31.74
CA ALA B 77 15.24 8.62 30.94
C ALA B 77 16.61 8.83 30.33
N LEU B 78 17.34 7.74 30.16
CA LEU B 78 18.68 7.77 29.60
C LEU B 78 18.70 6.92 28.35
N GLN B 79 19.37 7.44 27.31
CA GLN B 79 19.42 6.77 26.02
C GLN B 79 20.83 6.82 25.47
N PHE B 80 21.18 5.79 24.70
CA PHE B 80 22.33 5.89 23.82
C PHE B 80 21.91 5.48 22.42
N ALA B 81 22.63 5.97 21.43
CA ALA B 81 22.64 5.43 20.09
C ALA B 81 24.08 5.08 19.74
N MET B 82 24.23 4.07 18.89
CA MET B 82 25.54 3.64 18.41
C MET B 82 25.44 3.22 16.96
N GLU B 83 26.59 3.06 16.32
CA GLU B 83 26.65 2.59 14.95
C GLU B 83 27.32 1.22 14.88
N PRO B 84 26.66 0.19 14.36
CA PRO B 84 27.34 -1.09 14.12
C PRO B 84 28.44 -0.91 13.08
N LEU B 85 29.66 -1.30 13.45
CA LEU B 85 30.83 -1.05 12.62
C LEU B 85 31.79 -2.24 12.71
N THR B 86 32.38 -2.61 11.58
CA THR B 86 33.44 -3.61 11.54
C THR B 86 34.76 -2.90 11.22
N ALA B 87 35.73 -3.04 12.11
CA ALA B 87 37.02 -2.40 11.89
C ALA B 87 37.61 -2.79 10.54
N GLY B 88 38.15 -1.82 9.83
CA GLY B 88 38.76 -2.05 8.53
C GLY B 88 37.79 -2.24 7.37
N VAL B 89 36.49 -2.06 7.60
CA VAL B 89 35.48 -2.25 6.57
C VAL B 89 34.66 -0.96 6.50
N PRO B 90 34.21 -0.53 5.32
CA PRO B 90 33.42 0.69 5.23
C PRO B 90 32.18 0.63 6.11
N ALA B 91 31.81 1.79 6.66
CA ALA B 91 30.64 1.84 7.53
C ALA B 91 29.37 1.40 6.80
N ARG B 92 29.28 1.60 5.49
CA ARG B 92 28.07 1.22 4.77
C ARG B 92 27.92 -0.29 4.61
N ASP B 93 28.95 -1.07 4.93
CA ASP B 93 28.79 -2.52 4.91
C ASP B 93 27.66 -2.92 5.87
N PRO B 94 26.74 -3.78 5.46
CA PRO B 94 25.53 -4.03 6.24
C PRO B 94 25.62 -5.17 7.24
N LEU B 95 26.74 -5.90 7.29
CA LEU B 95 26.75 -7.13 8.08
C LEU B 95 26.60 -6.85 9.56
N ALA B 96 27.28 -5.83 10.08
CA ALA B 96 27.18 -5.52 11.51
C ALA B 96 25.74 -5.14 11.89
N ALA B 97 25.08 -4.35 11.04
CA ALA B 97 23.68 -3.97 11.30
C ALA B 97 22.77 -5.19 11.28
N ARG B 98 23.03 -6.13 10.38
CA ARG B 98 22.21 -7.35 10.36
C ARG B 98 22.41 -8.18 11.62
N ALA B 99 23.63 -8.19 12.17
CA ALA B 99 23.90 -9.03 13.33
C ALA B 99 23.29 -8.49 14.62
N ILE B 100 23.03 -7.18 14.69
CA ILE B 100 22.56 -6.56 15.93
C ILE B 100 21.18 -7.09 16.31
N MET B 101 20.30 -7.27 15.34
CA MET B 101 18.92 -7.61 15.68
C MET B 101 18.83 -8.97 16.36
N PRO B 102 19.39 -10.05 15.83
CA PRO B 102 19.30 -11.33 16.55
C PRO B 102 20.02 -11.30 17.88
N LEU B 103 21.08 -10.49 18.01
CA LEU B 103 21.72 -10.29 19.31
C LEU B 103 20.72 -9.69 20.30
N LEU B 104 20.00 -8.64 19.88
CA LEU B 104 19.07 -7.98 20.79
C LEU B 104 17.86 -8.85 21.06
N ALA B 105 17.35 -9.55 20.03
CA ALA B 105 16.19 -10.40 20.25
C ALA B 105 16.52 -11.54 21.21
N GLY B 106 17.69 -12.17 21.04
CA GLY B 106 18.02 -13.36 21.80
C GLY B 106 18.54 -13.05 23.20
N ARG B 107 19.41 -12.04 23.29
CA ARG B 107 20.06 -11.72 24.56
C ARG B 107 19.22 -10.83 25.44
N TYR B 108 18.32 -10.03 24.86
CA TYR B 108 17.58 -9.04 25.63
C TYR B 108 16.09 -9.00 25.32
N GLY B 109 15.58 -9.89 24.47
CA GLY B 109 14.15 -9.97 24.23
C GLY B 109 13.56 -8.89 23.35
N ALA B 110 14.38 -8.14 22.63
CA ALA B 110 13.86 -7.15 21.71
C ALA B 110 13.02 -7.83 20.64
N ASP B 111 12.06 -7.10 20.09
CA ASP B 111 11.17 -7.65 19.07
C ASP B 111 11.70 -7.32 17.69
N ALA B 112 11.75 -8.34 16.83
CA ALA B 112 12.30 -8.21 15.48
C ALA B 112 11.22 -8.20 14.39
N THR B 113 9.93 -8.14 14.76
CA THR B 113 8.88 -8.33 13.75
C THR B 113 8.91 -7.24 12.68
N ARG B 114 8.76 -5.98 13.08
CA ARG B 114 8.79 -4.92 12.07
C ARG B 114 10.16 -4.79 11.40
N TRP B 115 11.23 -4.97 12.17
CA TRP B 115 12.57 -4.94 11.59
C TRP B 115 12.69 -5.93 10.45
N SER B 116 12.16 -7.14 10.66
CA SER B 116 12.28 -8.21 9.67
C SER B 116 11.48 -7.90 8.40
N ALA B 117 10.40 -7.13 8.53
CA ALA B 117 9.64 -6.74 7.34
C ALA B 117 10.39 -5.76 6.46
N LEU B 118 11.42 -5.10 7.01
CA LEU B 118 12.10 -4.00 6.34
C LEU B 118 13.54 -4.29 5.96
N ALA B 119 14.21 -5.19 6.68
CA ALA B 119 15.67 -5.25 6.66
C ALA B 119 16.23 -5.57 5.28
N ASP B 120 15.51 -6.35 4.45
CA ASP B 120 16.06 -6.68 3.14
C ASP B 120 16.16 -5.47 2.24
N ARG B 121 15.27 -4.50 2.41
CA ARG B 121 15.29 -3.29 1.61
C ARG B 121 16.12 -2.18 2.25
N LEU B 122 16.12 -2.07 3.59
CA LEU B 122 16.78 -0.94 4.24
C LEU B 122 18.22 -1.24 4.66
N LEU B 123 18.63 -2.51 4.68
CA LEU B 123 20.02 -2.89 4.94
C LEU B 123 20.55 -3.68 3.75
N PRO B 124 20.63 -3.06 2.58
CA PRO B 124 21.06 -3.79 1.39
C PRO B 124 22.57 -3.89 1.28
N ASP B 125 23.01 -4.84 0.48
CA ASP B 125 24.36 -4.78 -0.02
C ASP B 125 24.51 -3.57 -0.94
N ASP B 126 25.71 -3.02 -1.00
CA ASP B 126 25.99 -1.92 -1.94
C ASP B 126 25.07 -0.72 -1.70
N ALA B 127 24.86 -0.38 -0.43
CA ALA B 127 24.12 0.84 -0.10
C ALA B 127 24.80 2.06 -0.72
N HIS B 128 23.99 3.04 -1.09
CA HIS B 128 24.53 4.19 -1.82
C HIS B 128 25.17 5.21 -0.89
N GLY B 129 24.66 5.36 0.34
CA GLY B 129 25.19 6.35 1.25
C GLY B 129 26.31 5.81 2.11
N PRO B 130 26.96 6.68 2.89
CA PRO B 130 28.11 6.24 3.68
C PRO B 130 27.75 5.44 4.93
N HIS B 131 26.51 5.50 5.40
CA HIS B 131 26.11 4.83 6.63
C HIS B 131 24.78 4.11 6.40
N VAL B 132 24.57 3.02 7.13
CA VAL B 132 23.37 2.20 6.89
C VAL B 132 22.57 1.91 8.15
N SER B 133 23.09 2.22 9.33
CA SER B 133 22.24 1.98 10.49
C SER B 133 22.76 2.69 11.72
N MET B 134 21.83 2.93 12.65
CA MET B 134 22.16 3.17 14.05
C MET B 134 21.24 2.29 14.88
N TYR B 135 21.70 1.88 16.06
CA TYR B 135 20.81 1.20 17.00
C TYR B 135 20.98 1.84 18.36
N GLY B 136 19.98 1.64 19.22
CA GLY B 136 20.11 2.27 20.52
C GLY B 136 19.11 1.71 21.52
N ALA B 137 19.09 2.35 22.68
CA ALA B 137 18.27 1.86 23.78
C ALA B 137 17.95 3.04 24.68
N GLU B 138 16.80 2.96 25.34
CA GLU B 138 16.40 3.96 26.32
C GLU B 138 15.85 3.26 27.55
N VAL B 139 16.12 3.80 28.74
CA VAL B 139 15.67 3.16 29.96
C VAL B 139 15.22 4.21 30.97
N ARG B 140 14.23 3.83 31.78
CA ARG B 140 13.81 4.57 32.96
C ARG B 140 13.87 3.64 34.16
N ALA B 141 13.92 4.23 35.35
CA ALA B 141 14.01 3.46 36.58
C ALA B 141 12.86 2.47 36.68
N GLY B 142 13.21 1.21 36.95
CA GLY B 142 12.23 0.17 37.18
C GLY B 142 11.54 -0.35 35.94
N ALA B 143 11.90 0.14 34.77
CA ALA B 143 11.22 -0.22 33.54
C ALA B 143 12.10 -1.09 32.65
N PRO B 144 11.48 -1.88 31.77
CA PRO B 144 12.25 -2.62 30.78
C PRO B 144 12.95 -1.67 29.83
N ILE B 145 14.11 -2.11 29.32
CA ILE B 145 14.81 -1.34 28.29
C ILE B 145 13.99 -1.35 27.01
N ARG B 146 13.94 -0.19 26.34
CA ARG B 146 13.31 -0.05 25.03
C ARG B 146 14.40 0.09 24.00
N PHE B 147 14.50 -0.89 23.10
CA PHE B 147 15.52 -0.86 22.05
C PHE B 147 14.98 -0.20 20.79
N LYS B 148 15.88 0.40 20.01
CA LYS B 148 15.52 1.18 18.83
C LYS B 148 16.46 0.88 17.67
N ALA B 149 15.93 1.01 16.45
CA ALA B 149 16.73 0.94 15.24
C ALA B 149 16.44 2.19 14.40
N TRP B 150 17.47 2.71 13.75
CA TRP B 150 17.34 3.79 12.77
C TRP B 150 17.90 3.31 11.43
N PHE B 151 17.10 3.44 10.38
CA PHE B 151 17.50 3.10 9.03
C PHE B 151 17.68 4.40 8.23
N TYR B 152 18.58 4.35 7.25
CA TYR B 152 18.85 5.51 6.39
C TYR B 152 18.02 5.43 5.11
N LEU B 153 17.30 6.51 4.81
CA LEU B 153 16.46 6.49 3.62
C LEU B 153 17.22 6.82 2.34
N ASN B 154 18.52 7.09 2.41
CA ASN B 154 19.33 7.36 1.23
C ASN B 154 20.02 6.11 0.68
N VAL B 155 19.64 4.92 1.18
CA VAL B 155 20.34 3.69 0.86
C VAL B 155 20.27 3.33 -0.62
N THR B 156 19.22 3.76 -1.31
CA THR B 156 19.13 3.56 -2.75
C THR B 156 19.44 4.83 -3.54
N GLY B 157 20.12 5.79 -2.92
CA GLY B 157 20.46 7.03 -3.57
C GLY B 157 19.55 8.15 -3.12
N PRO B 158 19.99 9.40 -3.23
CA PRO B 158 19.16 10.51 -2.76
C PRO B 158 17.82 10.62 -3.49
N ASP B 159 17.77 10.30 -4.78
CA ASP B 159 16.50 10.41 -5.49
C ASP B 159 15.53 9.30 -5.14
N GLY B 160 15.97 8.27 -4.43
CA GLY B 160 15.11 7.17 -4.10
C GLY B 160 14.49 7.21 -2.73
N ALA B 161 14.70 8.28 -1.96
CA ALA B 161 14.30 8.25 -0.56
C ALA B 161 12.79 8.17 -0.40
N PHE B 162 12.04 8.89 -1.24
CA PHE B 162 10.58 8.85 -1.11
C PHE B 162 10.01 7.48 -1.50
N ASN B 163 10.51 6.91 -2.59
CA ASN B 163 10.03 5.59 -3.01
C ASN B 163 10.43 4.51 -2.02
N LEU B 164 11.64 4.62 -1.45
CA LEU B 164 12.08 3.66 -0.44
C LEU B 164 11.20 3.75 0.80
N LEU B 165 10.97 4.96 1.30
CA LEU B 165 10.09 5.15 2.45
C LEU B 165 8.69 4.63 2.15
N TYR B 166 8.17 4.91 0.95
CA TYR B 166 6.83 4.41 0.61
C TYR B 166 6.79 2.88 0.68
N SER B 167 7.82 2.22 0.16
CA SER B 167 7.83 0.76 0.18
C SER B 167 7.91 0.23 1.61
N ALA B 168 8.60 0.97 2.48
CA ALA B 168 8.67 0.57 3.88
C ALA B 168 7.30 0.66 4.54
N LEU B 169 6.55 1.73 4.25
CA LEU B 169 5.19 1.79 4.76
C LEU B 169 4.31 0.71 4.15
N GLU B 170 4.56 0.33 2.89
CA GLU B 170 3.81 -0.81 2.35
C GLU B 170 4.06 -2.07 3.16
N ARG B 171 5.32 -2.29 3.58
CA ARG B 171 5.66 -3.47 4.38
C ARG B 171 5.02 -3.40 5.75
N MET B 172 4.87 -2.19 6.31
CA MET B 172 4.25 -1.98 7.62
C MET B 172 2.72 -2.02 7.57
N GLY B 173 2.12 -1.94 6.38
CA GLY B 173 0.68 -1.83 6.29
C GLY B 173 0.13 -0.46 6.60
N THR B 174 0.94 0.59 6.42
CA THR B 174 0.55 1.93 6.82
C THR B 174 0.62 2.93 5.66
N THR B 175 0.39 2.49 4.42
CA THR B 175 0.41 3.44 3.31
C THR B 175 -0.67 4.50 3.44
N HIS B 176 -1.75 4.23 4.17
CA HIS B 176 -2.82 5.21 4.31
C HIS B 176 -2.38 6.41 5.15
N LEU B 177 -1.20 6.33 5.77
CA LEU B 177 -0.65 7.43 6.56
C LEU B 177 0.36 8.26 5.77
N TRP B 178 0.48 8.04 4.46
CA TRP B 178 1.41 8.85 3.68
C TRP B 178 1.15 10.36 3.82
N PRO B 179 -0.11 10.81 3.95
CA PRO B 179 -0.33 12.26 4.13
C PRO B 179 0.43 12.84 5.31
N VAL B 180 0.67 12.03 6.34
CA VAL B 180 1.45 12.50 7.48
C VAL B 180 2.86 12.83 7.03
N VAL B 181 3.43 11.99 6.17
CA VAL B 181 4.78 12.20 5.67
C VAL B 181 4.85 13.49 4.88
N GLN B 182 3.88 13.70 4.00
CA GLN B 182 3.86 14.90 3.16
C GLN B 182 3.76 16.18 3.97
N ALA B 183 3.23 16.12 5.20
CA ALA B 183 3.10 17.33 6.00
C ALA B 183 4.46 17.92 6.36
N HIS B 184 5.54 17.17 6.22
CA HIS B 184 6.87 17.68 6.48
C HIS B 184 7.60 18.06 5.22
N VAL B 185 6.95 17.99 4.07
CA VAL B 185 7.57 18.30 2.79
C VAL B 185 6.81 19.48 2.21
N HIS B 186 7.32 20.69 2.49
CA HIS B 186 6.77 21.92 1.94
C HIS B 186 7.63 22.52 0.83
N ARG B 187 8.96 22.41 0.94
CA ARG B 187 9.89 22.99 0.00
C ARG B 187 10.59 21.86 -0.74
N ALA B 188 10.22 21.66 -2.01
CA ALA B 188 10.73 20.54 -2.77
C ALA B 188 12.26 20.53 -2.78
N GLY B 189 12.84 19.37 -2.50
CA GLY B 189 14.27 19.21 -2.49
C GLY B 189 14.98 19.72 -1.25
N GLU B 190 14.32 20.55 -0.45
CA GLU B 190 14.90 21.09 0.77
C GLU B 190 14.34 20.46 2.04
N ASP B 191 13.13 19.90 2.00
CA ASP B 191 12.58 19.11 3.08
C ASP B 191 12.74 17.65 2.67
N VAL B 192 13.64 16.93 3.33
CA VAL B 192 14.14 15.66 2.84
C VAL B 192 13.94 14.60 3.92
N PRO B 193 13.16 13.53 3.68
CA PRO B 193 13.14 12.43 4.65
C PRO B 193 14.48 11.72 4.65
N PHE B 194 15.00 11.42 5.85
CA PHE B 194 16.33 10.81 5.85
C PHE B 194 16.51 9.67 6.83
N LEU B 195 15.69 9.52 7.89
CA LEU B 195 15.75 8.34 8.72
C LEU B 195 14.36 7.78 8.96
N LEU B 196 14.29 6.45 9.09
CA LEU B 196 13.10 5.75 9.56
C LEU B 196 13.51 4.99 10.81
N SER B 197 12.79 5.18 11.92
CA SER B 197 13.14 4.51 13.16
CA SER B 197 13.14 4.50 13.16
C SER B 197 12.02 3.60 13.63
N LEU B 198 12.41 2.49 14.26
CA LEU B 198 11.50 1.53 14.88
C LEU B 198 11.81 1.40 16.35
N ASP B 199 10.77 1.42 17.19
CA ASP B 199 10.87 0.81 18.50
C ASP B 199 10.88 -0.70 18.29
N LEU B 200 11.92 -1.38 18.78
CA LEU B 200 12.05 -2.83 18.58
C LEU B 200 11.29 -3.56 19.69
N SER B 201 9.97 -3.43 19.61
CA SER B 201 9.09 -3.86 20.68
C SER B 201 7.74 -4.25 20.10
N ASP B 202 7.07 -5.19 20.76
CA ASP B 202 5.73 -5.59 20.36
C ASP B 202 4.66 -4.91 21.22
N ASP B 203 5.05 -3.97 22.07
CA ASP B 203 4.10 -3.17 22.82
C ASP B 203 3.14 -2.50 21.85
N PRO B 204 1.86 -2.37 22.21
CA PRO B 204 0.92 -1.70 21.30
C PRO B 204 1.31 -0.27 20.96
N ALA B 205 2.10 0.38 21.80
CA ALA B 205 2.54 1.75 21.56
C ALA B 205 3.80 1.85 20.70
N ALA B 206 4.47 0.73 20.42
CA ALA B 206 5.73 0.79 19.69
C ALA B 206 5.60 1.66 18.44
N ARG B 207 6.56 2.55 18.26
CA ARG B 207 6.45 3.62 17.29
C ARG B 207 7.20 3.33 15.99
N VAL B 208 6.68 3.90 14.91
CA VAL B 208 7.37 4.00 13.63
C VAL B 208 7.54 5.48 13.35
N LYS B 209 8.79 5.96 13.27
CA LYS B 209 9.06 7.38 13.15
C LYS B 209 9.78 7.70 11.85
N VAL B 210 9.42 8.81 11.21
CA VAL B 210 10.14 9.32 10.05
C VAL B 210 10.79 10.65 10.44
N TYR B 211 12.09 10.75 10.19
CA TYR B 211 12.85 11.97 10.43
C TYR B 211 13.06 12.73 9.13
N PHE B 212 12.98 14.07 9.19
CA PHE B 212 13.17 14.93 8.03
C PHE B 212 14.24 15.98 8.30
N ARG B 213 15.03 16.30 7.29
CA ARG B 213 15.91 17.46 7.32
C ARG B 213 15.27 18.64 6.60
N HIS B 214 15.45 19.83 7.16
CA HIS B 214 14.95 21.08 6.57
C HIS B 214 16.15 21.95 6.28
N PHE B 215 16.68 21.82 5.06
CA PHE B 215 17.84 22.58 4.62
C PHE B 215 17.48 24.02 4.32
N ALA B 216 18.38 24.93 4.66
CA ALA B 216 18.27 26.33 4.26
C ALA B 216 16.91 26.91 4.65
N ALA B 217 16.43 26.52 5.83
CA ALA B 217 15.09 26.87 6.27
C ALA B 217 15.14 28.04 7.25
N ASP B 218 14.30 29.04 7.01
CA ASP B 218 14.03 30.05 8.03
C ASP B 218 13.27 29.40 9.19
N VAL B 219 13.35 30.02 10.37
CA VAL B 219 12.61 29.50 11.50
C VAL B 219 11.12 29.50 11.23
N GLU B 220 10.63 30.49 10.48
CA GLU B 220 9.20 30.52 10.16
C GLU B 220 8.81 29.32 9.31
N GLU B 221 9.69 28.87 8.42
CA GLU B 221 9.38 27.71 7.58
C GLU B 221 9.34 26.44 8.42
N VAL B 222 10.24 26.31 9.39
CA VAL B 222 10.18 25.16 10.30
C VAL B 222 8.90 25.19 11.12
N ALA B 223 8.55 26.38 11.64
CA ALA B 223 7.30 26.50 12.40
C ALA B 223 6.09 26.18 11.53
N ALA B 224 6.18 26.47 10.23
CA ALA B 224 5.05 26.19 9.34
C ALA B 224 4.83 24.70 9.18
N VAL B 225 5.91 23.92 9.10
CA VAL B 225 5.76 22.46 9.08
C VAL B 225 5.06 21.99 10.34
N LEU B 226 5.48 22.51 11.49
CA LEU B 226 5.04 21.95 12.76
C LEU B 226 3.68 22.49 13.20
N LYS B 227 3.26 23.63 12.66
CA LYS B 227 1.98 24.23 13.01
C LYS B 227 0.82 23.25 12.86
N ALA B 228 0.95 22.25 12.00
CA ALA B 228 -0.10 21.26 11.80
C ALA B 228 -0.27 20.30 12.96
N TYR B 229 0.61 20.34 13.96
CA TYR B 229 0.54 19.44 15.09
C TYR B 229 0.06 20.17 16.34
N PRO B 230 -0.96 19.65 17.03
CA PRO B 230 -1.44 20.30 18.24
C PRO B 230 -0.29 20.62 19.20
N GLY B 231 -0.28 21.86 19.69
CA GLY B 231 0.70 22.28 20.65
C GLY B 231 1.91 22.97 20.07
N PHE B 232 2.19 22.82 18.78
CA PHE B 232 3.33 23.51 18.16
C PHE B 232 2.93 24.92 17.77
N GLU B 233 2.68 25.73 18.79
CA GLU B 233 2.37 27.14 18.60
C GLU B 233 3.51 27.83 17.85
N PRO B 234 3.26 28.42 16.68
CA PRO B 234 4.38 29.01 15.92
C PRO B 234 5.21 29.99 16.73
N GLY B 235 4.58 30.82 17.56
CA GLY B 235 5.33 31.78 18.34
C GLY B 235 6.26 31.10 19.34
N GLU B 236 5.77 30.05 20.01
CA GLU B 236 6.63 29.30 20.92
C GLU B 236 7.74 28.59 20.16
N VAL B 237 7.44 28.05 18.98
CA VAL B 237 8.46 27.33 18.23
C VAL B 237 9.54 28.29 17.72
N ARG B 238 9.11 29.43 17.16
CA ARG B 238 10.07 30.43 16.72
C ARG B 238 10.95 30.90 17.87
N ALA B 239 10.34 31.18 19.03
CA ALA B 239 11.10 31.68 20.17
C ALA B 239 12.12 30.66 20.64
N PHE B 240 11.72 29.39 20.73
CA PHE B 240 12.65 28.34 21.13
C PHE B 240 13.82 28.26 20.15
N CYS B 241 13.53 28.23 18.85
CA CYS B 241 14.61 28.17 17.87
C CYS B 241 15.53 29.37 18.00
N LYS B 242 14.95 30.56 18.12
CA LYS B 242 15.76 31.78 18.19
C LYS B 242 16.69 31.74 19.39
N VAL B 243 16.20 31.30 20.55
CA VAL B 243 17.06 31.21 21.72
C VAL B 243 18.18 30.21 21.48
N MET B 244 17.83 29.00 21.04
CA MET B 244 18.82 27.95 20.88
C MET B 244 19.81 28.23 19.75
N MET B 245 19.53 29.21 18.89
CA MET B 245 20.44 29.55 17.80
C MET B 245 21.04 30.93 17.95
N GLY B 246 21.00 31.50 19.15
CA GLY B 246 21.61 32.80 19.40
C GLY B 246 21.02 33.93 18.59
N GLY B 247 19.72 33.87 18.30
CA GLY B 247 19.08 34.95 17.58
C GLY B 247 19.09 34.83 16.08
N ARG B 248 19.78 33.82 15.53
CA ARG B 248 19.68 33.55 14.11
C ARG B 248 18.24 33.23 13.72
N ARG B 249 17.92 33.48 12.46
CA ARG B 249 16.59 33.22 11.92
C ARG B 249 16.58 32.17 10.82
N ARG B 250 17.73 31.59 10.48
CA ARG B 250 17.80 30.61 9.42
C ARG B 250 18.79 29.51 9.77
N PHE B 251 18.41 28.26 9.46
CA PHE B 251 19.31 27.11 9.54
C PHE B 251 20.18 27.11 8.28
N SER B 252 21.26 27.90 8.35
CA SER B 252 22.01 28.26 7.15
C SER B 252 22.97 27.17 6.68
N ASP B 253 23.49 26.35 7.60
CA ASP B 253 24.31 25.20 7.21
C ASP B 253 23.72 23.91 7.75
N GLN B 254 23.78 23.68 9.04
CA GLN B 254 23.21 22.45 9.60
C GLN B 254 21.69 22.51 9.56
N PRO B 255 21.00 21.54 8.94
CA PRO B 255 19.54 21.65 8.82
C PRO B 255 18.84 21.41 10.14
N ALA B 256 17.68 22.05 10.31
CA ALA B 256 16.76 21.65 11.35
C ALA B 256 16.22 20.26 11.03
N VAL B 257 15.78 19.55 12.06
CA VAL B 257 15.25 18.20 11.90
C VAL B 257 13.89 18.15 12.56
N THR B 258 12.93 17.52 11.90
CA THR B 258 11.68 17.17 12.55
C THR B 258 11.46 15.66 12.44
N CYS B 259 10.63 15.15 13.33
CA CYS B 259 10.32 13.74 13.41
C CYS B 259 8.82 13.61 13.59
N VAL B 260 8.21 12.60 12.98
CA VAL B 260 6.81 12.29 13.25
C VAL B 260 6.66 10.81 13.54
N SER B 261 5.93 10.50 14.62
CA SER B 261 5.55 9.14 14.96
C SER B 261 4.24 8.85 14.23
N LEU B 262 4.31 7.97 13.21
CA LEU B 262 3.20 7.87 12.26
C LEU B 262 1.90 7.44 12.94
N LEU B 263 1.96 6.45 13.82
CA LEU B 263 0.73 5.93 14.40
C LEU B 263 0.15 6.86 15.45
N ASP B 264 0.98 7.71 16.05
CA ASP B 264 0.49 8.73 16.97
C ASP B 264 -0.06 9.95 16.24
N ALA B 265 0.48 10.26 15.06
CA ALA B 265 -0.10 11.34 14.25
C ALA B 265 -1.52 11.00 13.85
N GLN B 266 -1.78 9.72 13.55
CA GLN B 266 -3.10 9.30 13.14
C GLN B 266 -4.14 9.60 14.21
N THR B 267 -3.79 9.36 15.47
CA THR B 267 -4.74 9.48 16.57
C THR B 267 -4.74 10.85 17.24
N PHE B 268 -3.84 11.75 16.84
CA PHE B 268 -3.72 13.06 17.49
C PHE B 268 -3.74 12.92 19.01
N ASP B 269 -3.35 11.75 19.52
CA ASP B 269 -3.55 11.43 20.94
C ASP B 269 -2.30 11.78 21.75
N ARG B 270 -1.22 11.04 21.55
CA ARG B 270 0.06 11.45 22.10
C ARG B 270 0.63 12.59 21.26
N THR B 271 1.77 13.13 21.68
CA THR B 271 2.48 14.10 20.85
C THR B 271 3.22 13.32 19.77
N ALA B 272 2.80 13.51 18.53
CA ALA B 272 3.27 12.75 17.39
C ALA B 272 4.56 13.31 16.80
N ALA B 273 4.80 14.61 16.96
CA ALA B 273 5.89 15.27 16.27
C ALA B 273 6.91 15.82 17.25
N THR B 274 8.15 15.97 16.76
CA THR B 274 9.25 16.49 17.56
C THR B 274 10.13 17.38 16.70
N LEU B 275 10.62 18.46 17.31
CA LEU B 275 11.56 19.39 16.69
C LEU B 275 12.96 19.13 17.26
N TYR B 276 13.96 19.03 16.39
CA TYR B 276 15.35 18.88 16.83
C TYR B 276 16.16 20.06 16.31
N VAL B 277 16.80 20.80 17.21
CA VAL B 277 17.65 21.92 16.85
C VAL B 277 19.10 21.48 16.98
N PRO B 278 19.89 21.48 15.90
CA PRO B 278 21.30 21.11 16.02
C PRO B 278 22.07 22.24 16.69
N LEU B 279 23.06 21.87 17.50
CA LEU B 279 23.67 22.84 18.41
C LEU B 279 25.16 23.10 18.23
N TRP B 280 25.86 22.44 17.30
CA TRP B 280 27.31 22.59 17.25
C TRP B 280 27.82 23.58 16.20
N THR B 281 26.95 24.10 15.33
CA THR B 281 27.39 25.02 14.30
C THR B 281 26.87 26.45 14.46
N TYR B 282 25.98 26.71 15.42
CA TYR B 282 25.37 28.02 15.57
C TYR B 282 25.76 28.68 16.89
N ALA B 283 26.95 28.36 17.40
CA ALA B 283 27.44 28.90 18.66
C ALA B 283 28.97 28.89 18.62
N GLU B 284 29.58 29.77 19.44
CA GLU B 284 31.03 29.80 19.52
C GLU B 284 31.56 28.58 20.26
N HIS B 285 30.85 28.11 21.28
CA HIS B 285 31.35 26.98 22.05
C HIS B 285 30.20 26.43 22.89
N ASP B 286 30.48 25.33 23.56
CA ASP B 286 29.46 24.66 24.36
C ASP B 286 29.09 25.45 25.62
N GLY B 287 29.91 26.40 26.04
CA GLY B 287 29.51 27.26 27.14
C GLY B 287 28.36 28.17 26.75
N GLU B 288 28.41 28.72 25.54
CA GLU B 288 27.29 29.51 25.03
C GLU B 288 26.04 28.64 24.88
N VAL B 289 26.20 27.40 24.39
CA VAL B 289 25.05 26.52 24.25
C VAL B 289 24.41 26.25 25.61
N ARG B 290 25.23 25.97 26.63
CA ARG B 290 24.69 25.77 27.97
C ARG B 290 23.87 26.98 28.43
N GLN B 291 24.37 28.19 28.17
CA GLN B 291 23.60 29.38 28.56
C GLN B 291 22.24 29.40 27.87
N ARG B 292 22.19 28.95 26.61
CA ARG B 292 20.92 28.92 25.89
C ARG B 292 19.98 27.88 26.49
N VAL B 293 20.50 26.68 26.75
CA VAL B 293 19.69 25.64 27.40
C VAL B 293 19.13 26.16 28.73
N HIS B 294 19.99 26.79 29.54
CA HIS B 294 19.53 27.34 30.81
C HIS B 294 18.39 28.32 30.61
N ARG B 295 18.51 29.19 29.60
CA ARG B 295 17.46 30.18 29.34
C ARG B 295 16.14 29.48 29.03
N THR B 296 16.18 28.47 28.14
CA THR B 296 14.93 27.85 27.72
C THR B 296 14.28 27.03 28.83
N LEU B 297 15.06 26.57 29.81
CA LEU B 297 14.56 25.76 30.91
C LEU B 297 14.35 26.55 32.20
N ALA B 298 14.42 27.89 32.13
CA ALA B 298 14.47 28.71 33.33
C ALA B 298 13.26 28.50 34.23
N ALA B 299 12.11 28.18 33.64
CA ALA B 299 10.88 28.01 34.41
C ALA B 299 10.81 26.67 35.13
N TRP B 300 11.71 25.73 34.85
CA TRP B 300 11.63 24.36 35.37
C TRP B 300 12.96 23.97 35.98
N PRO B 301 13.20 24.35 37.24
CA PRO B 301 14.52 24.09 37.85
C PRO B 301 14.85 22.63 38.01
N GLU B 302 13.85 21.75 38.05
CA GLU B 302 14.17 20.32 38.10
C GLU B 302 14.78 19.86 36.79
N ALA B 303 14.31 20.44 35.68
CA ALA B 303 14.92 20.11 34.39
C ALA B 303 16.34 20.66 34.28
N LEU B 304 16.56 21.88 34.79
CA LEU B 304 17.91 22.43 34.86
C LEU B 304 18.82 21.52 35.66
N TYR B 305 18.36 21.09 36.85
CA TYR B 305 19.14 20.17 37.68
C TYR B 305 19.49 18.90 36.91
N ARG B 306 18.49 18.30 36.27
CA ARG B 306 18.73 17.08 35.50
C ARG B 306 19.80 17.32 34.43
N TYR B 307 19.61 18.37 33.63
CA TYR B 307 20.53 18.69 32.56
C TYR B 307 21.94 18.95 33.09
N ASP B 308 22.06 19.81 34.10
CA ASP B 308 23.37 20.14 34.64
C ASP B 308 24.07 18.89 35.17
N SER B 309 23.33 18.03 35.87
CA SER B 309 23.96 16.87 36.49
C SER B 309 24.47 15.90 35.44
N VAL B 310 23.73 15.74 34.34
CA VAL B 310 24.14 14.82 33.28
C VAL B 310 25.29 15.41 32.47
N LEU B 311 25.22 16.71 32.15
CA LEU B 311 26.31 17.33 31.39
C LEU B 311 27.63 17.21 32.12
N ALA B 312 27.60 17.35 33.46
CA ALA B 312 28.83 17.35 34.23
C ALA B 312 29.59 16.03 34.08
N GLY B 313 28.89 14.93 33.92
CA GLY B 313 29.52 13.64 33.83
C GLY B 313 29.89 13.21 32.43
N ILE B 314 29.48 13.98 31.42
CA ILE B 314 29.72 13.65 30.02
C ILE B 314 30.75 14.56 29.39
N ALA B 315 30.70 15.86 29.69
CA ALA B 315 31.76 16.75 29.22
C ALA B 315 33.09 16.36 29.86
N HIS B 316 34.17 16.35 29.07
CA HIS B 316 35.49 16.08 29.62
C HIS B 316 36.52 17.13 29.20
N ARG B 317 36.06 18.36 28.94
CA ARG B 317 36.96 19.48 28.74
C ARG B 317 36.18 20.76 29.02
N GLY B 318 36.89 21.88 29.08
CA GLY B 318 36.23 23.14 29.32
C GLY B 318 35.20 23.42 28.26
N LEU B 319 34.00 23.85 28.66
CA LEU B 319 32.96 24.09 27.67
C LEU B 319 33.31 25.20 26.70
N ASP B 320 34.20 26.12 27.09
CA ASP B 320 34.55 27.24 26.22
C ASP B 320 35.58 26.91 25.14
N ALA B 321 36.09 25.68 25.12
CA ALA B 321 37.13 25.32 24.16
C ALA B 321 36.62 25.22 22.74
N GLY B 322 35.32 25.04 22.56
CA GLY B 322 34.74 24.87 21.25
C GLY B 322 33.40 24.19 21.39
N THR B 323 32.80 23.88 20.23
CA THR B 323 31.53 23.16 20.22
C THR B 323 31.79 21.66 20.07
N GLY B 324 30.71 20.88 20.06
CA GLY B 324 30.78 19.46 19.81
C GLY B 324 30.27 18.58 20.94
N ILE B 325 30.14 19.10 22.16
CA ILE B 325 29.56 18.30 23.23
C ILE B 325 28.05 18.20 23.06
N HIS B 326 27.37 19.34 22.86
CA HIS B 326 25.94 19.34 22.55
C HIS B 326 25.74 19.04 21.07
N ASN B 327 24.94 18.01 20.77
CA ASN B 327 24.55 17.71 19.40
C ASN B 327 23.20 18.35 19.07
N TYR B 328 22.17 18.04 19.87
CA TYR B 328 20.80 18.48 19.59
C TYR B 328 20.08 18.75 20.90
N ILE B 329 19.09 19.63 20.83
CA ILE B 329 18.03 19.63 21.83
C ILE B 329 16.71 19.47 21.09
N SER B 330 15.83 18.61 21.61
CA SER B 330 14.54 18.41 20.97
C SER B 330 13.43 19.05 21.81
N TRP B 331 12.32 19.33 21.14
CA TRP B 331 11.21 20.07 21.72
C TRP B 331 9.91 19.44 21.25
N GLN B 332 9.00 19.18 22.19
CA GLN B 332 7.65 18.67 21.98
C GLN B 332 6.71 19.40 22.91
N PRO B 333 5.44 19.57 22.52
CA PRO B 333 4.44 19.97 23.50
C PRO B 333 4.14 18.83 24.46
N GLY B 334 3.94 19.17 25.73
CA GLY B 334 3.51 18.24 26.74
C GLY B 334 2.11 18.55 27.23
N ARG B 335 1.73 17.87 28.31
CA ARG B 335 0.41 18.09 28.88
C ARG B 335 0.21 19.55 29.27
N THR B 336 1.12 20.09 30.08
CA THR B 336 1.01 21.48 30.52
C THR B 336 2.28 22.29 30.25
N ARG B 337 3.32 21.67 29.70
CA ARG B 337 4.59 22.33 29.44
C ARG B 337 5.33 21.51 28.39
N PRO B 338 6.33 22.09 27.73
CA PRO B 338 7.09 21.34 26.74
C PRO B 338 7.91 20.23 27.35
N ARG B 339 8.17 19.21 26.55
CA ARG B 339 9.08 18.12 26.89
C ARG B 339 10.32 18.28 26.04
N MET B 340 11.47 18.43 26.69
CA MET B 340 12.72 18.59 25.96
C MET B 340 13.65 17.44 26.29
N LYS B 341 14.57 17.17 25.36
CA LYS B 341 15.53 16.08 25.50
C LYS B 341 16.84 16.57 24.91
N VAL B 342 17.97 16.25 25.54
CA VAL B 342 19.26 16.78 25.12
C VAL B 342 20.16 15.63 24.67
N TYR B 343 20.85 15.83 23.55
CA TYR B 343 21.68 14.84 22.88
C TYR B 343 23.13 15.29 22.95
N LEU B 344 24.00 14.45 23.53
CA LEU B 344 25.37 14.83 23.82
C LEU B 344 26.35 13.82 23.24
N SER B 345 27.52 14.32 22.80
CA SER B 345 28.57 13.49 22.25
C SER B 345 29.61 13.13 23.29
N PRO B 346 30.20 11.92 23.19
CA PRO B 346 31.35 11.57 24.03
C PRO B 346 32.63 12.25 23.60
N GLU B 347 32.60 12.97 22.47
CA GLU B 347 33.72 13.73 21.95
C GLU B 347 35.02 12.92 22.03
N MET B 348 35.03 11.81 21.31
CA MET B 348 36.25 11.03 21.21
C MET B 348 37.17 11.51 20.10
N HIS B 349 36.75 12.50 19.33
CA HIS B 349 37.58 13.05 18.26
C HIS B 349 37.78 14.55 18.46
N ASP B 350 37.69 15.33 17.39
CA ASP B 350 38.06 16.74 17.45
C ASP B 350 36.94 17.61 17.98
N VAL B 351 37.31 18.66 18.71
CA VAL B 351 36.33 19.67 19.09
C VAL B 351 35.91 20.46 17.86
N THR B 352 34.71 21.05 17.94
CA THR B 352 34.13 21.89 16.91
C THR B 352 34.03 21.16 15.58
N PRO B 353 33.14 20.17 15.48
CA PRO B 353 32.95 19.45 14.23
C PRO B 353 32.30 20.33 13.19
N PRO B 354 32.41 19.98 11.91
CA PRO B 354 31.83 20.82 10.86
C PRO B 354 30.36 20.51 10.65
N PRO B 355 29.67 21.31 9.86
CA PRO B 355 28.27 21.00 9.54
C PRO B 355 28.17 19.68 8.79
N LEU B 356 27.16 18.88 9.14
CA LEU B 356 26.90 17.55 8.61
C LEU B 356 27.88 16.49 9.11
N GLY B 357 28.81 16.84 10.00
CA GLY B 357 29.68 15.87 10.61
C GLY B 357 30.92 15.57 9.78
N VAL B 358 31.94 15.05 10.46
CA VAL B 358 33.22 14.79 9.81
C VAL B 358 33.10 13.63 8.83
N SER B 359 32.15 12.72 9.05
CA SER B 359 31.92 11.60 8.15
C SER B 359 31.30 12.08 6.84
N THR C 8 -21.10 13.69 -45.64
CA THR C 8 -20.01 12.81 -45.20
C THR C 8 -20.21 12.38 -43.75
N THR C 9 -19.82 11.14 -43.44
CA THR C 9 -20.09 10.61 -42.11
C THR C 9 -19.21 11.28 -41.06
N VAL C 10 -19.69 11.24 -39.82
CA VAL C 10 -18.90 11.75 -38.69
C VAL C 10 -17.57 11.03 -38.63
N ARG C 11 -17.58 9.70 -38.73
CA ARG C 11 -16.34 8.93 -38.66
C ARG C 11 -15.34 9.39 -39.71
N ASP C 12 -15.80 9.52 -40.96
CA ASP C 12 -14.86 9.85 -42.03
C ASP C 12 -14.33 11.27 -41.87
N ALA C 13 -15.20 12.22 -41.49
CA ALA C 13 -14.78 13.61 -41.39
C ALA C 13 -13.69 13.75 -40.33
N CYS C 14 -13.93 13.16 -39.15
CA CYS C 14 -12.97 13.29 -38.06
C CYS C 14 -11.72 12.48 -38.33
N ALA C 15 -11.85 11.31 -38.96
CA ALA C 15 -10.64 10.54 -39.29
C ALA C 15 -9.75 11.32 -40.24
N ARG C 16 -10.33 11.99 -41.24
CA ARG C 16 -9.52 12.79 -42.16
C ARG C 16 -8.75 13.88 -41.40
N THR C 17 -9.45 14.55 -40.48
CA THR C 17 -8.81 15.59 -39.68
C THR C 17 -7.67 15.00 -38.85
N LEU C 18 -7.93 13.88 -38.19
CA LEU C 18 -6.90 13.24 -37.37
C LEU C 18 -5.70 12.84 -38.23
N GLU C 19 -5.96 12.33 -39.44
CA GLU C 19 -4.86 11.94 -40.34
C GLU C 19 -4.01 13.13 -40.71
N ASN C 20 -4.66 14.24 -41.10
CA ASN C 20 -3.91 15.42 -41.50
C ASN C 20 -3.10 15.94 -40.32
N THR C 21 -3.70 15.96 -39.12
CA THR C 21 -3.00 16.46 -37.94
C THR C 21 -1.81 15.58 -37.59
N ALA C 22 -1.98 14.26 -37.69
CA ALA C 22 -0.87 13.35 -37.45
C ALA C 22 0.27 13.60 -38.44
N ARG C 23 -0.05 13.88 -39.70
CA ARG C 23 1.01 14.19 -40.67
C ARG C 23 1.70 15.50 -40.32
N THR C 24 0.92 16.52 -39.93
CA THR C 24 1.50 17.80 -39.54
C THR C 24 2.49 17.62 -38.40
N LEU C 25 2.20 16.72 -37.47
CA LEU C 25 3.04 16.46 -36.31
C LEU C 25 4.07 15.35 -36.56
N HIS C 26 4.19 14.88 -37.81
CA HIS C 26 5.14 13.84 -38.20
C HIS C 26 5.09 12.62 -37.28
N LEU C 27 3.90 12.07 -37.07
CA LEU C 27 3.74 10.94 -36.17
C LEU C 27 4.05 9.59 -36.83
N GLY C 28 4.23 9.55 -38.16
CA GLY C 28 4.71 8.32 -38.80
C GLY C 28 3.83 7.12 -38.54
N ALA C 29 4.44 5.94 -38.44
CA ALA C 29 3.68 4.70 -38.31
C ALA C 29 2.84 4.66 -37.05
N SER C 30 3.32 5.26 -35.96
CA SER C 30 2.48 5.33 -34.76
C SER C 30 1.23 6.14 -35.03
N GLY C 31 1.37 7.24 -35.80
CA GLY C 31 0.21 8.01 -36.18
C GLY C 31 -0.77 7.23 -37.05
N THR C 32 -0.25 6.43 -37.98
CA THR C 32 -1.13 5.62 -38.83
C THR C 32 -1.91 4.61 -37.99
N GLU C 33 -1.26 3.98 -37.03
CA GLU C 33 -1.96 3.00 -36.20
C GLU C 33 -3.00 3.69 -35.32
N PHE C 34 -2.67 4.90 -34.84
CA PHE C 34 -3.56 5.73 -34.05
C PHE C 34 -4.82 6.10 -34.83
N VAL C 35 -4.67 6.46 -36.11
CA VAL C 35 -5.85 6.74 -36.93
C VAL C 35 -6.66 5.48 -37.16
N ALA C 36 -6.00 4.34 -37.37
CA ALA C 36 -6.73 3.10 -37.56
C ALA C 36 -7.54 2.76 -36.31
N ALA C 37 -6.96 3.03 -35.14
CA ALA C 37 -7.66 2.79 -33.88
C ALA C 37 -8.87 3.70 -33.75
N PHE C 38 -8.72 4.98 -34.11
CA PHE C 38 -9.89 5.85 -34.15
C PHE C 38 -10.99 5.25 -35.01
N ARG C 39 -10.64 4.80 -36.23
CA ARG C 39 -11.65 4.22 -37.09
C ARG C 39 -12.26 2.97 -36.48
N ALA C 40 -11.46 2.15 -35.81
CA ALA C 40 -11.99 0.94 -35.19
C ALA C 40 -12.97 1.28 -34.07
N MET C 41 -12.61 2.26 -33.25
CA MET C 41 -13.44 2.66 -32.12
C MET C 41 -14.73 3.35 -32.55
N THR C 42 -14.75 3.93 -33.75
CA THR C 42 -15.95 4.61 -34.25
C THR C 42 -16.68 3.84 -35.34
N ASP C 43 -16.22 2.63 -35.69
CA ASP C 43 -16.92 1.83 -36.69
C ASP C 43 -18.39 1.65 -36.31
N HIS C 44 -18.68 1.48 -35.01
CA HIS C 44 -20.04 1.25 -34.56
C HIS C 44 -20.96 2.44 -34.79
N TRP C 45 -20.40 3.63 -35.08
CA TRP C 45 -21.24 4.74 -35.49
C TRP C 45 -21.84 4.52 -36.87
N GLY C 46 -21.29 3.60 -37.66
CA GLY C 46 -21.84 3.31 -38.97
C GLY C 46 -21.76 4.51 -39.88
N ALA C 47 -22.81 4.69 -40.70
CA ALA C 47 -22.89 5.77 -41.67
C ALA C 47 -23.47 7.05 -41.08
N ALA C 48 -23.42 7.22 -39.76
CA ALA C 48 -24.08 8.34 -39.12
C ALA C 48 -23.50 9.68 -39.59
N ARG C 49 -24.39 10.60 -39.92
CA ARG C 49 -24.06 12.02 -40.02
C ARG C 49 -24.26 12.67 -38.67
N PRO C 50 -23.85 13.93 -38.51
CA PRO C 50 -23.92 14.53 -37.17
C PRO C 50 -25.31 14.50 -36.56
N HIS C 51 -26.35 14.79 -37.35
CA HIS C 51 -27.72 14.79 -36.83
C HIS C 51 -28.20 13.38 -36.49
N ASP C 52 -27.52 12.33 -36.94
CA ASP C 52 -27.95 10.97 -36.66
C ASP C 52 -27.51 10.47 -35.30
N LEU C 53 -26.47 11.07 -34.69
CA LEU C 53 -26.04 10.59 -33.40
C LEU C 53 -26.64 11.44 -32.28
N PRO C 54 -26.84 10.85 -31.10
CA PRO C 54 -27.22 11.66 -29.94
C PRO C 54 -26.17 12.74 -29.69
N LEU C 55 -26.62 13.88 -29.17
CA LEU C 55 -25.69 14.91 -28.72
C LEU C 55 -24.75 14.34 -27.67
N SER C 56 -23.47 14.70 -27.78
CA SER C 56 -22.38 14.11 -27.01
C SER C 56 -21.88 15.08 -25.95
N ASP C 57 -21.30 14.51 -24.89
CA ASP C 57 -20.63 15.28 -23.83
C ASP C 57 -19.18 15.54 -24.16
N VAL C 58 -18.66 14.98 -25.24
CA VAL C 58 -17.22 15.02 -25.49
C VAL C 58 -16.75 16.44 -25.74
N SER C 59 -17.41 17.16 -26.65
CA SER C 59 -17.18 18.58 -26.86
C SER C 59 -18.43 19.35 -26.41
N PRO C 60 -18.25 20.57 -25.89
CA PRO C 60 -19.41 21.30 -25.33
C PRO C 60 -20.47 21.65 -26.36
N ASP C 61 -20.11 21.67 -27.64
CA ASP C 61 -21.10 21.94 -28.67
C ASP C 61 -21.88 20.69 -29.08
N GLY C 62 -21.62 19.55 -28.45
CA GLY C 62 -22.32 18.32 -28.73
C GLY C 62 -21.61 17.37 -29.67
N SER C 63 -20.49 17.80 -30.26
CA SER C 63 -19.73 16.92 -31.14
C SER C 63 -19.23 15.70 -30.37
N PRO C 64 -19.24 14.52 -30.98
CA PRO C 64 -18.83 13.28 -30.29
C PRO C 64 -17.34 12.98 -30.34
N VAL C 65 -16.54 13.96 -30.74
CA VAL C 65 -15.09 13.83 -30.82
C VAL C 65 -14.49 15.10 -30.26
N GLU C 66 -13.31 14.96 -29.65
CA GLU C 66 -12.50 16.07 -29.20
C GLU C 66 -11.05 15.75 -29.52
N TYR C 67 -10.32 16.73 -30.05
CA TYR C 67 -8.91 16.60 -30.34
C TYR C 67 -8.09 17.30 -29.25
N ALA C 68 -6.89 16.78 -28.97
CA ALA C 68 -6.04 17.50 -28.03
C ALA C 68 -4.58 17.35 -28.46
N VAL C 69 -3.80 18.40 -28.19
CA VAL C 69 -2.37 18.38 -28.50
C VAL C 69 -1.61 18.78 -27.26
N ASP C 70 -0.69 17.92 -26.82
CA ASP C 70 0.18 18.18 -25.69
C ASP C 70 1.27 19.15 -26.14
N LEU C 71 1.40 20.27 -25.43
CA LEU C 71 2.39 21.28 -25.79
C LEU C 71 3.67 21.17 -24.96
N GLY C 72 3.81 20.13 -24.14
CA GLY C 72 5.02 19.91 -23.38
C GLY C 72 5.97 18.93 -24.06
N GLY C 73 7.18 18.85 -23.50
CA GLY C 73 8.17 17.90 -23.95
C GLY C 73 8.82 18.27 -25.28
N LEU C 74 9.82 17.45 -25.65
CA LEU C 74 10.53 17.67 -26.91
C LEU C 74 9.71 17.25 -28.13
N ALA C 75 8.73 16.37 -27.96
CA ALA C 75 7.98 15.82 -29.07
C ALA C 75 6.48 16.00 -28.85
N PRO C 76 5.73 16.27 -29.91
CA PRO C 76 4.28 16.46 -29.75
C PRO C 76 3.57 15.14 -29.49
N ALA C 77 2.47 15.21 -28.78
CA ALA C 77 1.53 14.09 -28.67
C ALA C 77 0.15 14.54 -29.13
N LEU C 78 -0.54 13.65 -29.83
CA LEU C 78 -1.86 13.90 -30.38
C LEU C 78 -2.84 12.96 -29.69
N GLN C 79 -4.04 13.46 -29.41
CA GLN C 79 -5.06 12.69 -28.68
C GLN C 79 -6.43 12.94 -29.30
N PHE C 80 -7.28 11.92 -29.25
CA PHE C 80 -8.71 12.12 -29.43
C PHE C 80 -9.45 11.52 -28.25
N ALA C 81 -10.63 12.07 -27.99
CA ALA C 81 -11.64 11.40 -27.18
C ALA C 81 -12.91 11.29 -28.01
N MET C 82 -13.70 10.26 -27.74
CA MET C 82 -14.96 10.05 -28.43
C MET C 82 -15.96 9.44 -27.47
N GLU C 83 -17.22 9.39 -27.89
CA GLU C 83 -18.28 8.78 -27.08
C GLU C 83 -18.89 7.61 -27.82
N PRO C 84 -18.86 6.41 -27.24
CA PRO C 84 -19.62 5.28 -27.81
C PRO C 84 -21.11 5.59 -27.82
N LEU C 85 -21.69 5.50 -29.02
CA LEU C 85 -23.07 5.93 -29.22
C LEU C 85 -23.71 5.03 -30.27
N THR C 86 -25.00 4.75 -30.08
CA THR C 86 -25.80 4.05 -31.07
C THR C 86 -26.91 4.99 -31.53
N ALA C 87 -26.97 5.23 -32.84
CA ALA C 87 -28.03 6.07 -33.38
C ALA C 87 -29.40 5.58 -32.92
N GLY C 88 -30.23 6.51 -32.46
CA GLY C 88 -31.57 6.15 -32.05
C GLY C 88 -31.70 5.62 -30.65
N VAL C 89 -30.62 5.63 -29.87
CA VAL C 89 -30.62 5.12 -28.51
C VAL C 89 -30.06 6.22 -27.60
N PRO C 90 -30.59 6.41 -26.40
CA PRO C 90 -30.04 7.45 -25.52
C PRO C 90 -28.56 7.19 -25.24
N ALA C 91 -27.82 8.29 -25.10
CA ALA C 91 -26.38 8.18 -24.88
C ALA C 91 -26.06 7.41 -23.60
N ARG C 92 -26.96 7.43 -22.62
CA ARG C 92 -26.66 6.73 -21.36
C ARG C 92 -26.74 5.22 -21.49
N ASP C 93 -27.27 4.69 -22.59
CA ASP C 93 -27.27 3.25 -22.80
C ASP C 93 -25.83 2.71 -22.78
N PRO C 94 -25.55 1.63 -22.07
CA PRO C 94 -24.15 1.21 -21.86
C PRO C 94 -23.59 0.21 -22.87
N LEU C 95 -24.38 -0.24 -23.85
CA LEU C 95 -23.92 -1.33 -24.70
C LEU C 95 -22.70 -0.94 -25.54
N ALA C 96 -22.73 0.26 -26.14
CA ALA C 96 -21.57 0.66 -26.95
C ALA C 96 -20.32 0.79 -26.09
N ALA C 97 -20.45 1.31 -24.87
CA ALA C 97 -19.29 1.45 -24.01
C ALA C 97 -18.74 0.09 -23.59
N ARG C 98 -19.64 -0.88 -23.38
CA ARG C 98 -19.18 -2.22 -23.03
C ARG C 98 -18.41 -2.87 -24.19
N ALA C 99 -18.74 -2.54 -25.44
CA ALA C 99 -18.11 -3.17 -26.59
C ALA C 99 -16.71 -2.64 -26.89
N ILE C 100 -16.37 -1.43 -26.42
CA ILE C 100 -15.08 -0.82 -26.77
C ILE C 100 -13.93 -1.58 -26.12
N MET C 101 -14.08 -1.99 -24.86
CA MET C 101 -12.93 -2.57 -24.17
C MET C 101 -12.46 -3.85 -24.82
N PRO C 102 -13.31 -4.85 -25.08
CA PRO C 102 -12.81 -6.06 -25.76
C PRO C 102 -12.23 -5.77 -27.12
N LEU C 103 -12.74 -4.74 -27.81
CA LEU C 103 -12.16 -4.35 -29.09
C LEU C 103 -10.74 -3.85 -28.90
N LEU C 104 -10.54 -2.94 -27.95
CA LEU C 104 -9.19 -2.40 -27.74
C LEU C 104 -8.24 -3.47 -27.21
N ALA C 105 -8.72 -4.34 -26.32
CA ALA C 105 -7.85 -5.39 -25.78
C ALA C 105 -7.49 -6.40 -26.86
N GLY C 106 -8.44 -6.80 -27.69
CA GLY C 106 -8.18 -7.82 -28.68
C GLY C 106 -7.36 -7.32 -29.87
N ARG C 107 -7.63 -6.10 -30.31
CA ARG C 107 -7.04 -5.58 -31.54
C ARG C 107 -5.80 -4.72 -31.30
N TYR C 108 -5.71 -4.03 -30.18
CA TYR C 108 -4.67 -3.01 -29.98
C TYR C 108 -3.88 -3.19 -28.70
N GLY C 109 -4.02 -4.33 -28.03
CA GLY C 109 -3.20 -4.64 -26.87
C GLY C 109 -3.51 -3.84 -25.63
N ALA C 110 -4.65 -3.13 -25.59
CA ALA C 110 -5.01 -2.38 -24.41
C ALA C 110 -5.24 -3.33 -23.23
N ASP C 111 -4.96 -2.84 -22.02
CA ASP C 111 -5.16 -3.64 -20.82
C ASP C 111 -6.55 -3.42 -20.25
N ALA C 112 -7.23 -4.52 -19.93
CA ALA C 112 -8.62 -4.45 -19.47
C ALA C 112 -8.79 -4.77 -17.99
N THR C 113 -7.71 -4.94 -17.23
CA THR C 113 -7.87 -5.45 -15.87
C THR C 113 -8.60 -4.47 -14.96
N ARG C 114 -8.12 -3.22 -14.86
CA ARG C 114 -8.83 -2.27 -14.02
C ARG C 114 -10.22 -1.99 -14.57
N TRP C 115 -10.35 -1.90 -15.90
CA TRP C 115 -11.67 -1.69 -16.50
C TRP C 115 -12.64 -2.77 -16.03
N SER C 116 -12.18 -4.02 -16.04
CA SER C 116 -13.05 -5.14 -15.70
C SER C 116 -13.41 -5.15 -14.23
N ALA C 117 -12.54 -4.60 -13.38
CA ALA C 117 -12.84 -4.47 -11.97
C ALA C 117 -13.90 -3.41 -11.67
N LEU C 118 -14.20 -2.54 -12.63
CA LEU C 118 -15.09 -1.39 -12.44
C LEU C 118 -16.36 -1.43 -13.26
N ALA C 119 -16.37 -2.12 -14.40
CA ALA C 119 -17.38 -1.85 -15.42
C ALA C 119 -18.80 -2.18 -14.95
N ASP C 120 -18.99 -3.20 -14.10
CA ASP C 120 -20.35 -3.50 -13.66
C ASP C 120 -20.94 -2.35 -12.85
N ARG C 121 -20.10 -1.61 -12.12
CA ARG C 121 -20.58 -0.49 -11.32
C ARG C 121 -20.62 0.80 -12.12
N LEU C 122 -19.62 1.05 -12.97
CA LEU C 122 -19.54 2.32 -13.67
C LEU C 122 -20.28 2.35 -15.00
N LEU C 123 -20.57 1.20 -15.62
CA LEU C 123 -21.40 1.15 -16.82
C LEU C 123 -22.64 0.31 -16.53
N PRO C 124 -23.51 0.78 -15.64
CA PRO C 124 -24.72 0.03 -15.30
C PRO C 124 -25.81 0.19 -16.34
N ASP C 125 -26.84 -0.67 -16.24
CA ASP C 125 -27.97 -0.64 -17.17
C ASP C 125 -28.90 0.55 -16.96
N ASP C 126 -28.83 1.21 -15.81
CA ASP C 126 -29.83 2.20 -15.44
C ASP C 126 -29.16 3.47 -14.94
N ALA C 127 -28.17 3.95 -15.70
CA ALA C 127 -27.40 5.11 -15.29
C ALA C 127 -28.28 6.34 -15.10
N HIS C 128 -27.93 7.14 -14.08
CA HIS C 128 -28.80 8.25 -13.71
C HIS C 128 -28.57 9.47 -14.58
N GLY C 129 -27.37 9.64 -15.12
CA GLY C 129 -27.05 10.83 -15.88
C GLY C 129 -27.21 10.59 -17.37
N PRO C 130 -26.99 11.63 -18.17
CA PRO C 130 -27.25 11.50 -19.61
C PRO C 130 -26.14 10.84 -20.41
N HIS C 131 -24.95 10.64 -19.82
CA HIS C 131 -23.81 10.04 -20.50
C HIS C 131 -23.17 9.03 -19.58
N VAL C 132 -22.56 7.99 -20.17
CA VAL C 132 -21.96 6.94 -19.34
C VAL C 132 -20.53 6.59 -19.73
N SER C 133 -20.04 7.09 -20.87
CA SER C 133 -18.61 6.83 -21.09
C SER C 133 -18.05 7.76 -22.16
N MET C 134 -16.72 7.91 -22.08
CA MET C 134 -15.90 8.37 -23.20
C MET C 134 -14.68 7.46 -23.25
N TYR C 135 -14.12 7.30 -24.44
CA TYR C 135 -12.85 6.59 -24.59
C TYR C 135 -11.96 7.42 -25.51
N GLY C 136 -10.67 7.15 -25.44
CA GLY C 136 -9.76 7.92 -26.25
C GLY C 136 -8.41 7.28 -26.38
N ALA C 137 -7.51 8.01 -27.03
CA ALA C 137 -6.17 7.49 -27.26
C ALA C 137 -5.25 8.67 -27.45
N GLU C 138 -3.98 8.46 -27.09
CA GLU C 138 -2.95 9.47 -27.24
C GLU C 138 -1.71 8.79 -27.80
N VAL C 139 -1.01 9.47 -28.70
CA VAL C 139 0.15 8.87 -29.35
C VAL C 139 1.27 9.89 -29.52
N ARG C 140 2.50 9.42 -29.41
CA ARG C 140 3.72 10.13 -29.81
C ARG C 140 4.45 9.29 -30.84
N ALA C 141 5.23 9.95 -31.70
CA ALA C 141 5.97 9.24 -32.72
C ALA C 141 6.88 8.19 -32.09
N GLY C 142 6.87 6.99 -32.67
CA GLY C 142 7.74 5.93 -32.23
C GLY C 142 7.34 5.21 -30.97
N ALA C 143 6.22 5.58 -30.33
CA ALA C 143 5.81 4.99 -29.07
C ALA C 143 4.49 4.27 -29.22
N PRO C 144 4.17 3.38 -28.29
CA PRO C 144 2.85 2.72 -28.34
C PRO C 144 1.75 3.70 -28.03
N ILE C 145 0.57 3.41 -28.58
CA ILE C 145 -0.61 4.20 -28.29
C ILE C 145 -1.04 3.95 -26.85
N ARG C 146 -1.45 5.01 -26.16
CA ARG C 146 -1.99 4.92 -24.81
C ARG C 146 -3.49 5.11 -24.91
N PHE C 147 -4.26 4.07 -24.59
CA PHE C 147 -5.71 4.17 -24.63
C PHE C 147 -6.26 4.58 -23.26
N LYS C 148 -7.39 5.27 -23.29
CA LYS C 148 -8.00 5.85 -22.11
C LYS C 148 -9.49 5.55 -22.06
N ALA C 149 -10.00 5.38 -20.84
CA ALA C 149 -11.43 5.35 -20.59
C ALA C 149 -11.78 6.43 -19.58
N TRP C 150 -12.93 7.07 -19.78
CA TRP C 150 -13.50 7.99 -18.81
C TRP C 150 -14.87 7.48 -18.39
N PHE C 151 -15.07 7.33 -17.09
CA PHE C 151 -16.35 6.94 -16.52
C PHE C 151 -16.98 8.12 -15.77
N TYR C 152 -18.30 8.09 -15.66
CA TYR C 152 -19.05 9.15 -15.00
C TYR C 152 -19.37 8.76 -13.57
N LEU C 153 -19.06 9.64 -12.63
CA LEU C 153 -19.30 9.35 -11.22
C LEU C 153 -20.74 9.67 -10.79
N ASN C 154 -21.57 10.18 -11.70
CA ASN C 154 -22.98 10.43 -11.41
C ASN C 154 -23.91 9.26 -11.77
N VAL C 155 -23.37 8.09 -12.14
CA VAL C 155 -24.25 7.06 -12.69
C VAL C 155 -25.21 6.48 -11.67
N THR C 156 -24.95 6.61 -10.36
CA THR C 156 -25.92 6.18 -9.35
C THR C 156 -26.71 7.34 -8.77
N GLY C 157 -26.52 8.55 -9.30
CA GLY C 157 -27.22 9.71 -8.81
C GLY C 157 -26.25 10.75 -8.32
N PRO C 158 -26.67 12.02 -8.29
CA PRO C 158 -25.75 13.08 -7.87
C PRO C 158 -25.29 12.92 -6.43
N ASP C 159 -26.13 12.37 -5.54
CA ASP C 159 -25.75 12.16 -4.14
C ASP C 159 -24.90 10.91 -3.95
N GLY C 160 -24.47 10.27 -5.03
CA GLY C 160 -23.69 9.07 -4.87
C GLY C 160 -22.29 9.16 -5.42
N ALA C 161 -21.87 10.35 -5.87
CA ALA C 161 -20.59 10.44 -6.59
C ALA C 161 -19.40 10.06 -5.70
N PHE C 162 -19.38 10.52 -4.44
CA PHE C 162 -18.23 10.19 -3.59
C PHE C 162 -18.27 8.73 -3.16
N ASN C 163 -19.45 8.20 -2.84
CA ASN C 163 -19.54 6.79 -2.49
C ASN C 163 -19.14 5.92 -3.68
N LEU C 164 -19.58 6.30 -4.87
CA LEU C 164 -19.21 5.52 -6.05
C LEU C 164 -17.71 5.55 -6.29
N LEU C 165 -17.10 6.73 -6.14
CA LEU C 165 -15.65 6.82 -6.28
C LEU C 165 -14.95 5.95 -5.25
N TYR C 166 -15.40 6.03 -3.98
CA TYR C 166 -14.80 5.21 -2.93
C TYR C 166 -14.92 3.73 -3.26
N SER C 167 -16.09 3.32 -3.75
CA SER C 167 -16.29 1.94 -4.17
C SER C 167 -15.34 1.54 -5.29
N ALA C 168 -15.12 2.43 -6.26
CA ALA C 168 -14.17 2.12 -7.32
C ALA C 168 -12.77 1.93 -6.76
N LEU C 169 -12.38 2.77 -5.79
CA LEU C 169 -11.08 2.57 -5.15
C LEU C 169 -11.03 1.26 -4.38
N GLU C 170 -12.15 0.87 -3.76
CA GLU C 170 -12.20 -0.45 -3.10
C GLU C 170 -11.93 -1.56 -4.11
N ARG C 171 -12.58 -1.47 -5.29
CA ARG C 171 -12.39 -2.50 -6.31
C ARG C 171 -10.94 -2.57 -6.77
N MET C 172 -10.27 -1.42 -6.82
CA MET C 172 -8.92 -1.40 -7.36
C MET C 172 -7.84 -1.54 -6.29
N GLY C 173 -8.23 -1.57 -5.01
CA GLY C 173 -7.28 -1.71 -3.93
C GLY C 173 -6.54 -0.44 -3.59
N THR C 174 -7.17 0.71 -3.81
CA THR C 174 -6.50 1.99 -3.60
C THR C 174 -7.27 2.90 -2.64
N THR C 175 -8.01 2.32 -1.68
CA THR C 175 -8.67 3.19 -0.70
C THR C 175 -7.67 3.93 0.18
N HIS C 176 -6.41 3.47 0.23
CA HIS C 176 -5.40 4.21 1.00
C HIS C 176 -5.16 5.60 0.43
N LEU C 177 -5.61 5.85 -0.80
CA LEU C 177 -5.50 7.14 -1.46
C LEU C 177 -6.71 8.02 -1.24
N TRP C 178 -7.73 7.53 -0.53
CA TRP C 178 -8.89 8.38 -0.26
C TRP C 178 -8.52 9.72 0.36
N PRO C 179 -7.55 9.82 1.26
CA PRO C 179 -7.21 11.15 1.80
C PRO C 179 -6.82 12.14 0.73
N VAL C 180 -6.32 11.68 -0.43
CA VAL C 180 -5.99 12.60 -1.53
C VAL C 180 -7.27 13.26 -2.04
N VAL C 181 -8.31 12.45 -2.23
CA VAL C 181 -9.62 12.99 -2.61
C VAL C 181 -10.16 13.94 -1.54
N GLN C 182 -10.13 13.51 -0.27
CA GLN C 182 -10.73 14.32 0.78
C GLN C 182 -10.07 15.70 0.85
N ALA C 183 -8.74 15.75 0.74
CA ALA C 183 -8.05 17.03 0.88
C ALA C 183 -8.27 17.93 -0.32
N HIS C 184 -8.62 17.36 -1.48
CA HIS C 184 -8.87 18.15 -2.67
C HIS C 184 -10.16 18.97 -2.57
N VAL C 185 -11.11 18.54 -1.74
CA VAL C 185 -12.42 19.17 -1.65
C VAL C 185 -12.32 20.28 -0.60
N HIS C 186 -12.30 21.53 -1.05
CA HIS C 186 -12.23 22.65 -0.12
C HIS C 186 -13.57 23.29 0.14
N ARG C 187 -14.52 23.20 -0.79
CA ARG C 187 -15.84 23.79 -0.64
C ARG C 187 -16.86 22.66 -0.77
N ALA C 188 -17.42 22.24 0.36
CA ALA C 188 -18.36 21.13 0.37
C ALA C 188 -19.51 21.41 -0.58
N GLY C 189 -19.84 20.43 -1.41
CA GLY C 189 -20.95 20.54 -2.33
C GLY C 189 -20.66 21.32 -3.60
N GLU C 190 -19.59 22.12 -3.64
CA GLU C 190 -19.26 22.85 -4.87
C GLU C 190 -18.00 22.34 -5.56
N ASP C 191 -17.15 21.58 -4.86
CA ASP C 191 -16.03 20.87 -5.47
C ASP C 191 -16.51 19.43 -5.61
N VAL C 192 -16.84 19.01 -6.83
CA VAL C 192 -17.59 17.78 -7.05
C VAL C 192 -16.81 16.88 -8.02
N PRO C 193 -16.52 15.64 -7.64
CA PRO C 193 -15.88 14.73 -8.61
C PRO C 193 -16.91 14.27 -9.63
N PHE C 194 -16.51 14.24 -10.90
CA PHE C 194 -17.46 13.88 -11.93
C PHE C 194 -16.96 12.89 -12.97
N LEU C 195 -15.65 12.71 -13.14
CA LEU C 195 -15.10 11.67 -14.02
C LEU C 195 -14.00 10.90 -13.31
N LEU C 196 -13.93 9.59 -13.61
CA LEU C 196 -12.85 8.72 -13.20
C LEU C 196 -12.24 8.15 -14.47
N SER C 197 -10.96 8.40 -14.69
CA SER C 197 -10.31 7.94 -15.91
C SER C 197 -9.27 6.86 -15.60
N LEU C 198 -9.18 5.89 -16.50
CA LEU C 198 -8.13 4.87 -16.49
C LEU C 198 -7.26 5.00 -17.72
N ASP C 199 -5.95 4.98 -17.54
CA ASP C 199 -5.07 4.53 -18.62
C ASP C 199 -5.28 3.02 -18.80
N LEU C 200 -5.68 2.60 -20.00
CA LEU C 200 -5.96 1.19 -20.27
C LEU C 200 -4.66 0.48 -20.68
N SER C 201 -3.79 0.32 -19.69
CA SER C 201 -2.41 -0.07 -19.92
C SER C 201 -1.91 -0.82 -18.69
N ASP C 202 -0.99 -1.76 -18.91
CA ASP C 202 -0.34 -2.42 -17.80
C ASP C 202 1.02 -1.79 -17.49
N ASP C 203 1.29 -0.61 -18.04
CA ASP C 203 2.52 0.08 -17.70
C ASP C 203 2.55 0.36 -16.20
N PRO C 204 3.72 0.28 -15.55
CA PRO C 204 3.78 0.54 -14.12
C PRO C 204 3.27 1.91 -13.72
N ALA C 205 3.28 2.88 -14.64
CA ALA C 205 2.80 4.23 -14.36
C ALA C 205 1.37 4.46 -14.79
N ALA C 206 0.67 3.42 -15.25
CA ALA C 206 -0.72 3.61 -15.70
C ALA C 206 -1.55 4.30 -14.63
N ARG C 207 -2.27 5.35 -15.03
CA ARG C 207 -2.87 6.27 -14.08
C ARG C 207 -4.34 5.95 -13.79
N VAL C 208 -4.74 6.33 -12.58
CA VAL C 208 -6.14 6.42 -12.18
C VAL C 208 -6.36 7.88 -11.83
N LYS C 209 -7.20 8.57 -12.59
CA LYS C 209 -7.40 10.01 -12.47
C LYS C 209 -8.83 10.36 -12.06
N VAL C 210 -8.96 11.35 -11.18
CA VAL C 210 -10.27 11.87 -10.76
C VAL C 210 -10.38 13.32 -11.18
N TYR C 211 -11.43 13.63 -11.95
CA TYR C 211 -11.70 15.00 -12.38
C TYR C 211 -12.76 15.61 -11.49
N PHE C 212 -12.54 16.87 -11.13
CA PHE C 212 -13.43 17.64 -10.26
C PHE C 212 -13.91 18.88 -10.98
N ARG C 213 -15.17 19.24 -10.77
CA ARG C 213 -15.68 20.55 -11.14
C ARG C 213 -15.68 21.45 -9.92
N HIS C 214 -15.33 22.72 -10.13
CA HIS C 214 -15.29 23.70 -9.04
C HIS C 214 -16.35 24.74 -9.36
N PHE C 215 -17.59 24.45 -8.98
CA PHE C 215 -18.71 25.32 -9.30
C PHE C 215 -18.60 26.64 -8.55
N ALA C 216 -18.91 27.74 -9.24
CA ALA C 216 -19.01 29.06 -8.62
C ALA C 216 -17.73 29.47 -7.90
N ALA C 217 -16.59 28.94 -8.34
CA ALA C 217 -15.33 29.25 -7.71
C ALA C 217 -14.71 30.48 -8.34
N ASP C 218 -14.05 31.29 -7.54
CA ASP C 218 -13.22 32.32 -8.16
C ASP C 218 -11.79 31.81 -8.24
N VAL C 219 -10.95 32.57 -8.94
CA VAL C 219 -9.61 32.12 -9.24
C VAL C 219 -8.83 31.86 -7.95
N GLU C 220 -9.07 32.67 -6.90
CA GLU C 220 -8.36 32.47 -5.64
C GLU C 220 -8.71 31.12 -5.02
N GLU C 221 -9.99 30.73 -5.12
CA GLU C 221 -10.39 29.43 -4.58
C GLU C 221 -9.79 28.28 -5.37
N VAL C 222 -9.69 28.42 -6.70
CA VAL C 222 -9.04 27.39 -7.50
C VAL C 222 -7.56 27.30 -7.14
N ALA C 223 -6.89 28.45 -6.99
CA ALA C 223 -5.48 28.41 -6.61
C ALA C 223 -5.29 27.78 -5.24
N ALA C 224 -6.25 27.99 -4.34
CA ALA C 224 -6.15 27.40 -3.01
C ALA C 224 -6.26 25.88 -3.05
N VAL C 225 -7.12 25.35 -3.93
CA VAL C 225 -7.22 23.91 -4.13
C VAL C 225 -5.88 23.35 -4.59
N LEU C 226 -5.23 24.04 -5.52
CA LEU C 226 -4.06 23.49 -6.19
C LEU C 226 -2.76 23.76 -5.45
N LYS C 227 -2.72 24.73 -4.54
CA LYS C 227 -1.44 25.12 -3.95
C LYS C 227 -0.80 23.98 -3.15
N ALA C 228 -1.58 22.99 -2.71
CA ALA C 228 -1.01 21.85 -2.00
C ALA C 228 -0.14 20.97 -2.90
N TYR C 229 -0.27 21.09 -4.23
CA TYR C 229 0.51 20.24 -5.13
C TYR C 229 1.78 20.96 -5.55
N PRO C 230 2.96 20.33 -5.47
CA PRO C 230 4.20 21.04 -5.74
C PRO C 230 4.19 21.68 -7.12
N GLY C 231 4.61 22.95 -7.18
CA GLY C 231 4.72 23.66 -8.42
C GLY C 231 3.53 24.51 -8.78
N PHE C 232 2.37 24.29 -8.14
CA PHE C 232 1.20 25.13 -8.38
C PHE C 232 1.28 26.40 -7.53
N GLU C 233 2.29 27.22 -7.83
CA GLU C 233 2.46 28.49 -7.15
C GLU C 233 1.24 29.37 -7.41
N PRO C 234 0.59 29.91 -6.37
CA PRO C 234 -0.64 30.66 -6.62
C PRO C 234 -0.46 31.81 -7.58
N GLY C 235 0.67 32.52 -7.51
CA GLY C 235 0.91 33.60 -8.46
C GLY C 235 0.91 33.12 -9.91
N GLU C 236 1.49 31.96 -10.16
CA GLU C 236 1.49 31.42 -11.51
C GLU C 236 0.09 30.97 -11.92
N VAL C 237 -0.62 30.32 -11.01
CA VAL C 237 -1.98 29.86 -11.31
C VAL C 237 -2.89 31.06 -11.58
N ARG C 238 -2.82 32.07 -10.73
CA ARG C 238 -3.64 33.27 -10.94
C ARG C 238 -3.33 33.92 -12.26
N ALA C 239 -2.04 34.03 -12.61
CA ALA C 239 -1.66 34.72 -13.84
C ALA C 239 -2.17 33.97 -15.06
N PHE C 240 -2.06 32.64 -15.04
CA PHE C 240 -2.55 31.85 -16.16
C PHE C 240 -4.06 32.01 -16.31
N CYS C 241 -4.80 31.88 -15.21
CA CYS C 241 -6.25 32.07 -15.26
C CYS C 241 -6.61 33.46 -15.76
N LYS C 242 -5.93 34.49 -15.23
CA LYS C 242 -6.25 35.86 -15.63
C LYS C 242 -6.14 36.03 -17.15
N VAL C 243 -5.04 35.53 -17.73
CA VAL C 243 -4.88 35.67 -19.17
C VAL C 243 -5.94 34.87 -19.92
N MET C 244 -6.12 33.60 -19.54
CA MET C 244 -7.03 32.76 -20.30
C MET C 244 -8.49 33.13 -20.10
N MET C 245 -8.81 33.82 -19.00
CA MET C 245 -10.16 34.28 -18.70
C MET C 245 -10.41 35.74 -19.11
N GLY C 246 -9.44 36.40 -19.74
CA GLY C 246 -9.62 37.78 -20.12
C GLY C 246 -9.78 38.72 -18.95
N GLY C 247 -9.14 38.43 -17.82
CA GLY C 247 -9.20 39.28 -16.66
C GLY C 247 -10.32 38.98 -15.70
N ARG C 248 -11.22 38.05 -16.04
CA ARG C 248 -12.27 37.68 -15.10
C ARG C 248 -11.68 37.03 -13.86
N ARG C 249 -12.33 37.26 -12.72
CA ARG C 249 -11.85 36.72 -11.46
C ARG C 249 -12.63 35.52 -10.96
N ARG C 250 -13.76 35.20 -11.59
CA ARG C 250 -14.66 34.17 -11.11
C ARG C 250 -15.08 33.28 -12.27
N PHE C 251 -15.18 31.98 -12.00
CA PHE C 251 -15.76 31.02 -12.93
C PHE C 251 -17.28 31.06 -12.74
N SER C 252 -17.90 32.05 -13.38
CA SER C 252 -19.29 32.38 -13.09
C SER C 252 -20.24 31.32 -13.62
N ASP C 253 -20.10 30.93 -14.88
CA ASP C 253 -20.97 29.88 -15.40
C ASP C 253 -20.20 28.57 -15.48
N GLN C 254 -19.39 28.40 -16.50
CA GLN C 254 -18.68 27.15 -16.67
C GLN C 254 -17.64 26.97 -15.58
N PRO C 255 -17.64 25.86 -14.84
CA PRO C 255 -16.70 25.71 -13.73
C PRO C 255 -15.28 25.44 -14.20
N ALA C 256 -14.32 25.84 -13.37
CA ALA C 256 -12.98 25.31 -13.53
C ALA C 256 -13.00 23.81 -13.28
N VAL C 257 -12.08 23.10 -13.93
CA VAL C 257 -11.95 21.66 -13.75
C VAL C 257 -10.52 21.38 -13.29
N THR C 258 -10.38 20.49 -12.31
CA THR C 258 -9.07 19.98 -11.95
C THR C 258 -9.10 18.46 -12.08
N CYS C 259 -7.91 17.89 -12.24
CA CYS C 259 -7.75 16.45 -12.29
C CYS C 259 -6.63 16.08 -11.34
N VAL C 260 -6.80 15.01 -10.57
CA VAL C 260 -5.74 14.48 -9.74
C VAL C 260 -5.40 13.06 -10.20
N SER C 261 -4.12 12.82 -10.49
CA SER C 261 -3.65 11.45 -10.80
C SER C 261 -3.30 10.79 -9.48
N LEU C 262 -4.21 9.95 -8.97
CA LEU C 262 -4.14 9.51 -7.59
C LEU C 262 -2.84 8.79 -7.27
N LEU C 263 -2.41 7.87 -8.15
CA LEU C 263 -1.22 7.09 -7.87
C LEU C 263 0.06 7.89 -8.00
N ASP C 264 0.00 9.08 -8.59
CA ASP C 264 1.14 9.97 -8.71
C ASP C 264 1.19 11.02 -7.60
N ALA C 265 0.19 11.09 -6.74
CA ALA C 265 0.14 12.14 -5.73
C ALA C 265 0.96 11.81 -4.48
N GLN C 266 1.68 10.69 -4.44
CA GLN C 266 2.45 10.29 -3.26
C GLN C 266 3.92 10.70 -3.29
N THR C 267 4.70 10.15 -4.23
CA THR C 267 6.16 10.08 -4.09
C THR C 267 6.93 11.16 -4.83
N PHE C 268 6.25 12.11 -5.48
CA PHE C 268 6.89 13.29 -6.06
C PHE C 268 7.73 12.94 -7.29
N ASP C 269 7.40 11.86 -7.99
CA ASP C 269 8.12 11.54 -9.23
C ASP C 269 7.59 12.36 -10.41
N ARG C 270 6.29 12.62 -10.44
CA ARG C 270 5.64 13.32 -11.54
C ARG C 270 4.50 14.18 -10.99
N THR C 271 4.13 15.21 -11.75
CA THR C 271 3.02 16.06 -11.34
C THR C 271 1.75 15.23 -11.22
N ALA C 272 1.02 15.45 -10.14
CA ALA C 272 -0.20 14.68 -9.93
C ALA C 272 -1.46 15.45 -10.28
N ALA C 273 -1.42 16.77 -10.31
CA ALA C 273 -2.63 17.56 -10.51
C ALA C 273 -2.53 18.36 -11.80
N THR C 274 -3.71 18.71 -12.34
CA THR C 274 -3.83 19.46 -13.57
C THR C 274 -4.99 20.42 -13.44
N LEU C 275 -4.84 21.62 -13.99
CA LEU C 275 -5.90 22.63 -14.04
C LEU C 275 -6.38 22.74 -15.48
N TYR C 276 -7.71 22.75 -15.67
CA TYR C 276 -8.33 22.92 -16.98
C TYR C 276 -9.20 24.17 -16.95
N VAL C 277 -8.94 25.11 -17.85
CA VAL C 277 -9.73 26.34 -17.95
C VAL C 277 -10.65 26.21 -19.15
N PRO C 278 -11.96 26.28 -18.96
CA PRO C 278 -12.88 26.22 -20.11
C PRO C 278 -12.82 27.52 -20.91
N LEU C 279 -12.94 27.41 -22.23
CA LEU C 279 -12.60 28.51 -23.12
C LEU C 279 -13.72 29.03 -23.98
N TRP C 280 -14.91 28.44 -23.97
CA TRP C 280 -15.95 28.82 -24.93
C TRP C 280 -17.01 29.78 -24.37
N THR C 281 -16.97 30.10 -23.07
CA THR C 281 -17.95 31.01 -22.49
C THR C 281 -17.38 32.32 -21.95
N TYR C 282 -16.06 32.47 -21.88
CA TYR C 282 -15.45 33.66 -21.30
C TYR C 282 -14.71 34.49 -22.34
N ALA C 283 -15.15 34.41 -23.60
CA ALA C 283 -14.57 35.20 -24.68
C ALA C 283 -15.64 35.45 -25.72
N GLU C 284 -15.39 36.46 -26.56
CA GLU C 284 -16.32 36.79 -27.63
C GLU C 284 -16.25 35.77 -28.77
N HIS C 285 -15.05 35.27 -29.07
CA HIS C 285 -14.88 34.33 -30.16
C HIS C 285 -13.52 33.65 -30.04
N ASP C 286 -13.29 32.68 -30.92
CA ASP C 286 -12.06 31.89 -30.87
C ASP C 286 -10.84 32.69 -31.30
N GLY C 287 -11.01 33.79 -32.04
CA GLY C 287 -9.87 34.66 -32.32
C GLY C 287 -9.31 35.27 -31.05
N GLU C 288 -10.18 35.72 -30.15
CA GLU C 288 -9.75 36.24 -28.85
C GLU C 288 -9.07 35.15 -28.03
N VAL C 289 -9.66 33.94 -28.01
CA VAL C 289 -9.05 32.85 -27.25
C VAL C 289 -7.66 32.56 -27.78
N ARG C 290 -7.48 32.56 -29.10
CA ARG C 290 -6.16 32.29 -29.67
C ARG C 290 -5.16 33.34 -29.21
N GLN C 291 -5.56 34.61 -29.16
CA GLN C 291 -4.66 35.65 -28.67
C GLN C 291 -4.24 35.37 -27.24
N ARG C 292 -5.17 34.85 -26.42
CA ARG C 292 -4.84 34.53 -25.03
C ARG C 292 -3.86 33.37 -24.97
N VAL C 293 -4.10 32.32 -25.76
CA VAL C 293 -3.16 31.21 -25.81
C VAL C 293 -1.77 31.71 -26.20
N HIS C 294 -1.70 32.55 -27.23
CA HIS C 294 -0.41 33.08 -27.64
C HIS C 294 0.29 33.78 -26.49
N ARG C 295 -0.46 34.57 -25.72
CA ARG C 295 0.16 35.28 -24.61
C ARG C 295 0.74 34.30 -23.58
N THR C 296 -0.03 33.27 -23.23
CA THR C 296 0.46 32.34 -22.21
C THR C 296 1.62 31.49 -22.71
N LEU C 297 1.78 31.36 -24.03
CA LEU C 297 2.82 30.50 -24.60
C LEU C 297 4.02 31.30 -25.12
N ALA C 298 4.00 32.63 -24.99
CA ALA C 298 5.03 33.45 -25.63
C ALA C 298 6.44 33.04 -25.21
N ALA C 299 6.60 32.60 -23.96
CA ALA C 299 7.91 32.20 -23.47
C ALA C 299 8.38 30.87 -24.05
N TRP C 300 7.50 30.10 -24.67
CA TRP C 300 7.83 28.79 -25.23
C TRP C 300 7.35 28.78 -26.67
N PRO C 301 8.09 29.42 -27.56
CA PRO C 301 7.57 29.66 -28.92
C PRO C 301 7.48 28.40 -29.78
N GLU C 302 8.19 27.33 -29.45
CA GLU C 302 7.92 26.09 -30.18
C GLU C 302 6.60 25.47 -29.73
N ALA C 303 6.28 25.56 -28.43
CA ALA C 303 4.95 25.17 -27.98
C ALA C 303 3.87 25.96 -28.71
N LEU C 304 4.08 27.27 -28.89
CA LEU C 304 3.13 28.11 -29.60
C LEU C 304 3.02 27.69 -31.07
N TYR C 305 4.16 27.44 -31.72
CA TYR C 305 4.14 26.94 -33.10
C TYR C 305 3.38 25.63 -33.21
N ARG C 306 3.60 24.72 -32.25
CA ARG C 306 2.90 23.45 -32.24
C ARG C 306 1.39 23.66 -32.15
N TYR C 307 0.97 24.54 -31.24
CA TYR C 307 -0.45 24.86 -31.11
C TYR C 307 -1.01 25.44 -32.41
N ASP C 308 -0.32 26.43 -32.98
CA ASP C 308 -0.81 27.06 -34.20
C ASP C 308 -0.96 26.03 -35.33
N SER C 309 0.02 25.15 -35.47
CA SER C 309 0.00 24.17 -36.56
CA SER C 309 -0.01 24.19 -36.57
C SER C 309 -1.20 23.26 -36.44
N VAL C 310 -1.54 22.85 -35.22
CA VAL C 310 -2.66 21.94 -35.00
C VAL C 310 -3.99 22.67 -35.17
N LEU C 311 -4.11 23.85 -34.57
CA LEU C 311 -5.35 24.61 -34.73
C LEU C 311 -5.66 24.85 -36.21
N ALA C 312 -4.63 25.15 -37.00
CA ALA C 312 -4.86 25.49 -38.40
C ALA C 312 -5.56 24.38 -39.16
N GLY C 313 -5.32 23.12 -38.77
CA GLY C 313 -5.90 22.01 -39.47
C GLY C 313 -7.24 21.54 -38.94
N ILE C 314 -7.69 22.11 -37.82
CA ILE C 314 -8.92 21.68 -37.17
C ILE C 314 -10.02 22.72 -37.31
N ALA C 315 -9.68 24.01 -37.23
CA ALA C 315 -10.68 25.04 -37.47
C ALA C 315 -11.19 24.97 -38.91
N HIS C 316 -12.50 25.15 -39.08
CA HIS C 316 -13.04 25.15 -40.43
C HIS C 316 -14.00 26.30 -40.67
N ARG C 317 -13.84 27.38 -39.91
CA ARG C 317 -14.49 28.66 -40.18
C ARG C 317 -13.63 29.75 -39.58
N GLY C 318 -14.01 31.00 -39.85
CA GLY C 318 -13.28 32.13 -39.30
C GLY C 318 -13.28 32.11 -37.78
N LEU C 319 -12.11 32.33 -37.17
CA LEU C 319 -12.05 32.26 -35.72
C LEU C 319 -12.92 33.32 -35.06
N ASP C 320 -13.18 34.44 -35.75
CA ASP C 320 -13.93 35.53 -35.13
C ASP C 320 -15.44 35.32 -35.19
N ALA C 321 -15.92 34.26 -35.83
CA ALA C 321 -17.36 34.08 -35.99
C ALA C 321 -18.05 33.74 -34.69
N GLY C 322 -17.31 33.32 -33.67
CA GLY C 322 -17.89 32.89 -32.41
C GLY C 322 -16.93 31.96 -31.70
N THR C 323 -17.39 31.42 -30.58
CA THR C 323 -16.62 30.42 -29.85
C THR C 323 -17.09 29.01 -30.24
N GLY C 324 -16.39 28.01 -29.70
CA GLY C 324 -16.79 26.64 -29.95
C GLY C 324 -15.66 25.74 -30.44
N ILE C 325 -14.59 26.34 -30.95
CA ILE C 325 -13.45 25.54 -31.39
C ILE C 325 -12.56 25.16 -30.21
N HIS C 326 -12.17 26.14 -29.40
CA HIS C 326 -11.40 25.85 -28.20
C HIS C 326 -12.33 25.36 -27.09
N ASN C 327 -12.05 24.18 -26.54
CA ASN C 327 -12.80 23.68 -25.40
C ASN C 327 -12.11 24.04 -24.09
N TYR C 328 -10.85 23.59 -23.92
CA TYR C 328 -10.08 23.79 -22.70
C TYR C 328 -8.62 24.02 -23.05
N ILE C 329 -7.90 24.69 -22.14
CA ILE C 329 -6.45 24.59 -22.06
C ILE C 329 -6.12 24.13 -20.65
N SER C 330 -5.22 23.17 -20.53
CA SER C 330 -4.82 22.68 -19.22
C SER C 330 -3.41 23.14 -18.91
N TRP C 331 -3.11 23.18 -17.61
CA TRP C 331 -1.84 23.69 -17.10
C TRP C 331 -1.40 22.81 -15.95
N GLN C 332 -0.13 22.42 -15.96
CA GLN C 332 0.47 21.77 -14.82
C GLN C 332 1.91 22.23 -14.73
N PRO C 333 2.49 22.22 -13.54
CA PRO C 333 3.92 22.52 -13.42
C PRO C 333 4.75 21.38 -13.97
N GLY C 334 5.99 21.70 -14.31
CA GLY C 334 6.94 20.71 -14.78
C GLY C 334 8.30 20.90 -14.14
N ARG C 335 9.24 20.04 -14.53
CA ARG C 335 10.58 20.10 -13.97
C ARG C 335 11.25 21.44 -14.25
N THR C 336 11.15 21.93 -15.49
CA THR C 336 11.78 23.19 -15.83
C THR C 336 10.85 24.21 -16.50
N ARG C 337 9.64 23.81 -16.89
CA ARG C 337 8.64 24.70 -17.47
C ARG C 337 7.28 24.05 -17.29
N PRO C 338 6.20 24.83 -17.30
CA PRO C 338 4.87 24.23 -17.23
C PRO C 338 4.55 23.43 -18.48
N ARG C 339 3.66 22.45 -18.31
CA ARG C 339 3.16 21.65 -19.41
C ARG C 339 1.73 22.05 -19.66
N MET C 340 1.43 22.49 -20.88
CA MET C 340 0.07 22.85 -21.27
C MET C 340 -0.42 21.93 -22.36
N LYS C 341 -1.75 21.81 -22.46
CA LYS C 341 -2.36 20.94 -23.45
C LYS C 341 -3.66 21.60 -23.89
N VAL C 342 -3.93 21.57 -25.19
CA VAL C 342 -5.07 22.30 -25.74
C VAL C 342 -6.06 21.31 -26.33
N TYR C 343 -7.34 21.53 -26.04
CA TYR C 343 -8.45 20.66 -26.40
C TYR C 343 -9.38 21.41 -27.36
N LEU C 344 -9.67 20.78 -28.51
CA LEU C 344 -10.33 21.43 -29.62
C LEU C 344 -11.50 20.59 -30.11
N SER C 345 -12.57 21.25 -30.54
CA SER C 345 -13.76 20.61 -31.06
C SER C 345 -13.75 20.57 -32.59
N PRO C 346 -14.28 19.51 -33.19
CA PRO C 346 -14.46 19.51 -34.66
C PRO C 346 -15.66 20.35 -35.11
N GLU C 347 -16.43 20.88 -34.17
CA GLU C 347 -17.61 21.69 -34.49
C GLU C 347 -18.51 20.99 -35.51
N MET C 348 -19.00 19.81 -35.13
CA MET C 348 -20.05 19.19 -35.92
C MET C 348 -21.34 20.00 -35.85
N HIS C 349 -21.59 20.66 -34.72
CA HIS C 349 -22.83 21.41 -34.51
C HIS C 349 -22.55 22.87 -34.22
N TRP D . -8.61 -27.00 -3.99
CA TRP D . -7.21 -26.66 -3.70
C TRP D . -6.49 -27.97 -3.40
O TRP D . -5.26 -27.99 -3.26
CB TRP D . -7.10 -25.66 -2.52
CG TRP D . -7.91 -26.05 -1.34
CD1 TRP D . -9.20 -25.67 -1.06
CD2 TRP D . -7.52 -26.91 -0.27
NE1 TRP D . -9.63 -26.25 0.10
CE2 TRP D . -8.61 -27.01 0.62
CE3 TRP D . -6.34 -27.59 0.04
CZ2 TRP D . -8.57 -27.78 1.77
CZ3 TRP D . -6.30 -28.36 1.19
CH2 TRP D . -7.41 -28.44 2.04
OXT TRP D . -7.12 -29.03 -3.32
H2 TRP D . -8.85 -27.35 -4.85
H TRP D . -9.03 -26.41 -4.46
HA TRP D . -6.80 -26.21 -4.45
HB2 TRP D . -7.40 -24.79 -2.82
HB3 TRP D . -6.17 -25.61 -2.24
HD1 TRP D . -9.70 -25.09 -1.59
HE1 TRP D . -10.41 -26.16 0.44
HE3 TRP D . -5.60 -27.53 -0.53
HZ2 TRP D . -9.30 -27.83 2.34
HZ3 TRP D . -5.52 -28.82 1.41
HH2 TRP D . -7.35 -28.96 2.81
C BEZ E . -8.79 -24.98 5.58
O1 BEZ E . -7.82 -25.45 6.21
O2 BEZ E . -9.87 -24.81 6.18
C1 BEZ E . -8.64 -24.60 4.14
C2 BEZ E . -9.73 -24.06 3.45
C3 BEZ E . -9.58 -23.68 2.12
C4 BEZ E . -8.36 -23.83 1.48
C5 BEZ E . -7.28 -24.37 2.17
C6 BEZ E . -7.42 -24.75 3.50
H2 BEZ E . -10.68 -23.93 3.96
H3 BEZ E . -10.44 -23.27 1.58
H4 BEZ E . -8.25 -23.52 0.44
H5 BEZ E . -6.32 -24.49 1.67
H6 BEZ E . -6.57 -25.17 4.03
N TRP F . 24.26 12.60 13.76
CA TRP F . 23.32 12.25 12.69
C TRP F . 22.62 13.54 12.25
O TRP F . 21.85 13.54 11.29
CB TRP F . 22.32 11.17 13.15
CG TRP F . 21.67 11.52 14.44
CD1 TRP F . 22.10 11.21 15.68
CD2 TRP F . 20.47 12.30 14.60
NE1 TRP F . 21.25 11.74 16.62
CE2 TRP F . 20.24 12.41 15.99
CE3 TRP F . 19.57 12.90 13.72
CZ2 TRP F . 19.15 13.10 16.51
CZ3 TRP F . 18.49 13.58 14.23
CH2 TRP F . 18.29 13.68 15.62
OXT TRP F . 22.83 14.62 12.82
H2 TRP F . 24.15 13.42 14.25
H TRP F . 24.79 13.26 13.57
HA TRP F . 23.77 11.87 11.92
HB2 TRP F . 22.80 10.33 13.27
HB3 TRP F . 21.63 11.06 12.47
HD1 TRP F . 22.85 10.70 15.87
HE1 TRP F . 21.33 11.66 17.48
HE3 TRP F . 19.69 12.82 12.79
HZ2 TRP F . 19.02 13.18 17.43
HZ3 TRP F . 17.89 13.99 13.66
HH2 TRP F . 17.55 14.15 15.94
P1 DPO G . 14.72 9.93 19.63
O1 DPO G . 15.18 10.53 18.31
O2 DPO G . 14.32 8.48 19.45
O3 DPO G . 15.87 10.01 20.59
O4 DPO G . 13.45 10.85 20.17
P2 DPO G . 12.21 10.44 21.18
O5 DPO G . 11.39 9.33 20.55
O6 DPO G . 12.72 10.01 22.54
O7 DPO G . 11.37 11.69 21.35
N1 IMD H . 19.03 9.43 15.98
C2 IMD H . 17.90 10.14 16.24
N3 IMD H . 17.75 10.25 17.59
C4 IMD H . 18.80 9.62 18.18
C5 IMD H . 19.59 9.10 17.16
HN1 IMD H . 19.37 9.21 15.09
H2 IMD H . 17.28 10.50 15.58
HN3 IMD H . 17.03 10.72 18.05
H4 IMD H . 18.96 9.54 19.14
H5 IMD H . 20.42 8.59 17.28
P1 DPO I . -3.63 14.36 -19.44
O1 DPO I . -2.93 14.32 -20.79
O2 DPO I . -3.03 15.46 -18.56
O3 DPO I . -3.56 13.02 -18.77
O4 DPO I . -5.18 14.84 -19.56
P2 DPO I . -6.48 14.22 -20.34
O5 DPO I . -6.37 14.67 -21.78
O6 DPO I . -7.65 14.92 -19.66
O7 DPO I . -6.52 12.71 -20.25
#